data_2MI5
#
_entry.id   2MI5
#
_entity_poly.entity_id   1
_entity_poly.type   'polypeptide(L)'
_entity_poly.pdbx_seq_one_letter_code
;SAKDGDVEGPAGCKKYDVECDSGECCQKQYLWYKWRPLDCRCLKSGFFSSKCVCRDV
;
_entity_poly.pdbx_strand_id   A
#
# COMPACT_ATOMS: atom_id res chain seq x y z
N SER A 1 14.70 3.81 -15.00
CA SER A 1 14.76 3.56 -13.56
C SER A 1 13.46 3.98 -12.87
N ALA A 2 13.10 3.26 -11.82
CA ALA A 2 11.88 3.56 -11.08
C ALA A 2 12.18 4.42 -9.86
N LYS A 3 11.16 5.11 -9.36
CA LYS A 3 11.31 5.98 -8.19
C LYS A 3 10.15 5.79 -7.22
N ASP A 4 10.23 6.45 -6.08
CA ASP A 4 9.19 6.36 -5.06
C ASP A 4 7.82 6.73 -5.65
N GLY A 5 6.79 6.00 -5.25
CA GLY A 5 5.45 6.26 -5.75
C GLY A 5 5.09 5.40 -6.93
N ASP A 6 6.10 4.84 -7.59
CA ASP A 6 5.88 3.97 -8.75
C ASP A 6 5.20 2.67 -8.33
N VAL A 7 4.15 2.30 -9.05
CA VAL A 7 3.41 1.07 -8.76
C VAL A 7 3.12 0.29 -10.03
N GLU A 8 2.62 -0.94 -9.86
CA GLU A 8 2.30 -1.78 -11.00
C GLU A 8 0.82 -2.14 -11.01
N GLY A 9 0.21 -2.09 -12.20
CA GLY A 9 -1.20 -2.41 -12.33
C GLY A 9 -1.94 -1.39 -13.17
N PRO A 10 -3.28 -1.41 -13.08
CA PRO A 10 -4.14 -0.49 -13.83
C PRO A 10 -4.04 0.94 -13.32
N ALA A 11 -4.01 1.90 -14.24
CA ALA A 11 -3.92 3.30 -13.89
C ALA A 11 -5.09 3.73 -13.01
N GLY A 12 -4.79 4.25 -11.83
CA GLY A 12 -5.83 4.69 -10.92
C GLY A 12 -6.01 3.75 -9.75
N CYS A 13 -5.05 2.85 -9.56
CA CYS A 13 -5.11 1.88 -8.46
C CYS A 13 -4.74 2.54 -7.14
N LYS A 14 -4.55 1.72 -6.11
CA LYS A 14 -4.19 2.22 -4.79
C LYS A 14 -2.68 2.23 -4.61
N LYS A 15 -2.21 2.98 -3.61
CA LYS A 15 -0.78 3.07 -3.33
C LYS A 15 -0.50 2.84 -1.85
N TYR A 16 0.77 2.83 -1.49
CA TYR A 16 1.17 2.62 -0.09
C TYR A 16 0.45 3.58 0.84
N ASP A 17 0.03 3.08 1.99
CA ASP A 17 -0.68 3.89 2.97
C ASP A 17 -1.95 4.48 2.38
N VAL A 18 -2.81 3.61 1.87
CA VAL A 18 -4.06 4.04 1.26
C VAL A 18 -5.15 2.98 1.41
N GLU A 19 -6.37 3.40 1.65
CA GLU A 19 -7.49 2.49 1.81
C GLU A 19 -7.83 1.81 0.49
N CYS A 20 -8.51 0.67 0.58
CA CYS A 20 -8.90 -0.08 -0.60
C CYS A 20 -10.13 -0.95 -0.32
N ASP A 21 -10.62 -1.63 -1.36
CA ASP A 21 -11.79 -2.48 -1.22
C ASP A 21 -11.38 -3.95 -1.17
N SER A 22 -12.10 -4.73 -0.36
CA SER A 22 -11.80 -6.14 -0.21
C SER A 22 -10.37 -6.36 0.27
N GLY A 23 -9.81 -5.34 0.90
CA GLY A 23 -8.45 -5.43 1.41
C GLY A 23 -7.45 -5.77 0.31
N GLU A 24 -7.81 -5.47 -0.94
CA GLU A 24 -6.94 -5.76 -2.07
C GLU A 24 -6.13 -4.52 -2.46
N CYS A 25 -4.82 -4.68 -2.55
CA CYS A 25 -3.94 -3.57 -2.91
C CYS A 25 -3.41 -3.75 -4.34
N CYS A 26 -2.75 -2.72 -4.84
CA CYS A 26 -2.19 -2.75 -6.19
C CYS A 26 -1.28 -3.96 -6.37
N GLN A 27 -0.86 -4.21 -7.61
CA GLN A 27 0.01 -5.33 -7.92
C GLN A 27 1.31 -5.25 -7.12
N LYS A 28 2.09 -4.21 -7.38
CA LYS A 28 3.35 -4.01 -6.69
C LYS A 28 3.69 -2.52 -6.58
N GLN A 29 4.66 -2.20 -5.73
CA GLN A 29 5.08 -0.81 -5.54
C GLN A 29 6.56 -0.74 -5.22
N TYR A 30 7.23 0.27 -5.77
CA TYR A 30 8.66 0.45 -5.55
C TYR A 30 8.93 0.96 -4.13
N LEU A 31 9.11 0.03 -3.20
CA LEU A 31 9.37 0.39 -1.80
C LEU A 31 10.80 0.00 -1.41
N TRP A 32 11.49 0.94 -0.75
CA TRP A 32 12.86 0.69 -0.31
C TRP A 32 13.72 0.20 -1.47
N TYR A 33 13.57 0.83 -2.63
CA TYR A 33 14.34 0.46 -3.80
C TYR A 33 14.11 -1.01 -4.16
N LYS A 34 12.89 -1.48 -3.95
CA LYS A 34 12.53 -2.86 -4.24
C LYS A 34 11.02 -3.00 -4.48
N TRP A 35 10.66 -3.66 -5.57
CA TRP A 35 9.26 -3.86 -5.90
C TRP A 35 8.65 -4.96 -5.05
N ARG A 36 7.79 -4.57 -4.12
CA ARG A 36 7.14 -5.52 -3.22
C ARG A 36 5.62 -5.36 -3.28
N PRO A 37 4.90 -6.43 -2.89
CA PRO A 37 3.43 -6.43 -2.89
C PRO A 37 2.86 -5.53 -1.81
N LEU A 38 1.53 -5.40 -1.81
CA LEU A 38 0.85 -4.56 -0.82
C LEU A 38 -0.34 -5.29 -0.22
N ASP A 39 -0.61 -5.04 1.05
CA ASP A 39 -1.73 -5.67 1.75
C ASP A 39 -2.40 -4.69 2.71
N CYS A 40 -3.73 -4.62 2.64
CA CYS A 40 -4.49 -3.72 3.50
C CYS A 40 -4.51 -4.23 4.93
N ARG A 41 -3.52 -3.82 5.71
CA ARG A 41 -3.42 -4.24 7.11
C ARG A 41 -4.15 -3.26 8.02
N CYS A 42 -4.75 -3.77 9.08
CA CYS A 42 -5.48 -2.94 10.03
C CYS A 42 -4.77 -2.90 11.39
N LEU A 43 -3.98 -1.86 11.60
CA LEU A 43 -3.24 -1.71 12.85
C LEU A 43 -3.15 -0.24 13.25
N LYS A 44 -3.02 0.01 14.56
CA LYS A 44 -2.91 1.36 15.08
C LYS A 44 -1.66 1.52 15.92
N SER A 45 -1.05 2.71 15.85
CA SER A 45 0.16 2.99 16.60
C SER A 45 -0.08 4.10 17.62
N GLY A 46 -0.59 3.72 18.80
CA GLY A 46 -0.86 4.69 19.84
C GLY A 46 -1.96 5.66 19.45
N PHE A 47 -2.75 5.29 18.44
CA PHE A 47 -3.84 6.13 17.98
C PHE A 47 -5.15 5.74 18.65
N PHE A 48 -6.20 6.54 18.41
CA PHE A 48 -7.50 6.29 18.99
C PHE A 48 -8.36 5.43 18.05
N SER A 49 -8.46 5.87 16.80
CA SER A 49 -9.25 5.15 15.80
C SER A 49 -8.35 4.50 14.77
N SER A 50 -8.21 3.18 14.86
CA SER A 50 -7.36 2.43 13.92
C SER A 50 -7.88 2.57 12.51
N LYS A 51 -7.00 2.32 11.54
CA LYS A 51 -7.37 2.42 10.12
C LYS A 51 -6.67 1.33 9.31
N CYS A 52 -7.31 0.91 8.23
CA CYS A 52 -6.76 -0.12 7.36
C CYS A 52 -6.18 0.49 6.09
N VAL A 53 -4.91 0.20 5.82
CA VAL A 53 -4.25 0.72 4.63
C VAL A 53 -3.26 -0.29 4.07
N CYS A 54 -2.85 -0.09 2.82
CA CYS A 54 -1.90 -0.98 2.17
C CYS A 54 -0.53 -0.88 2.81
N ARG A 55 0.15 -2.02 2.93
CA ARG A 55 1.49 -2.05 3.54
C ARG A 55 2.35 -3.11 2.86
N ASP A 56 3.66 -2.97 3.01
CA ASP A 56 4.60 -3.91 2.43
C ASP A 56 4.49 -5.28 3.08
N VAL A 57 4.28 -6.31 2.26
CA VAL A 57 4.15 -7.68 2.77
C VAL A 57 5.00 -8.64 1.95
N SER A 1 13.87 2.88 -15.01
CA SER A 1 14.11 3.01 -13.57
C SER A 1 12.88 3.60 -12.88
N ALA A 2 12.58 3.09 -11.69
CA ALA A 2 11.44 3.57 -10.93
C ALA A 2 11.89 4.48 -9.79
N LYS A 3 10.98 5.33 -9.32
CA LYS A 3 11.28 6.26 -8.24
C LYS A 3 10.37 6.00 -7.04
N ASP A 4 10.68 6.65 -5.92
CA ASP A 4 9.90 6.49 -4.70
C ASP A 4 8.46 6.95 -4.92
N GLY A 5 7.52 6.05 -4.65
CA GLY A 5 6.11 6.37 -4.83
C GLY A 5 5.54 5.81 -6.11
N ASP A 6 6.23 4.82 -6.68
CA ASP A 6 5.79 4.20 -7.92
C ASP A 6 5.16 2.84 -7.65
N VAL A 7 4.07 2.54 -8.36
CA VAL A 7 3.36 1.28 -8.19
C VAL A 7 3.11 0.61 -9.54
N GLU A 8 2.67 -0.65 -9.50
CA GLU A 8 2.39 -1.39 -10.72
C GLU A 8 0.92 -1.81 -10.78
N GLY A 9 0.37 -1.81 -11.98
CA GLY A 9 -1.03 -2.18 -12.15
C GLY A 9 -1.81 -1.15 -12.95
N PRO A 10 -3.15 -1.25 -12.91
CA PRO A 10 -4.03 -0.33 -13.62
C PRO A 10 -4.03 1.06 -13.02
N ALA A 11 -4.09 2.08 -13.88
CA ALA A 11 -4.09 3.46 -13.43
C ALA A 11 -5.31 3.76 -12.57
N GLY A 12 -5.07 4.23 -11.35
CA GLY A 12 -6.17 4.54 -10.45
C GLY A 12 -6.24 3.60 -9.27
N CYS A 13 -5.36 2.59 -9.26
CA CYS A 13 -5.33 1.62 -8.19
C CYS A 13 -4.93 2.28 -6.87
N LYS A 14 -4.66 1.46 -5.85
CA LYS A 14 -4.25 1.97 -4.55
C LYS A 14 -2.74 2.04 -4.43
N LYS A 15 -2.26 2.77 -3.44
CA LYS A 15 -0.83 2.92 -3.21
C LYS A 15 -0.49 2.77 -1.73
N TYR A 16 0.80 2.82 -1.42
CA TYR A 16 1.26 2.69 -0.04
C TYR A 16 0.55 3.70 0.87
N ASP A 17 0.11 3.23 2.02
CA ASP A 17 -0.59 4.10 2.97
C ASP A 17 -1.83 4.71 2.35
N VAL A 18 -2.71 3.84 1.83
CA VAL A 18 -3.95 4.30 1.21
C VAL A 18 -5.06 3.26 1.37
N GLU A 19 -6.28 3.73 1.53
CA GLU A 19 -7.43 2.84 1.69
C GLU A 19 -7.62 1.97 0.46
N CYS A 20 -8.27 0.83 0.64
CA CYS A 20 -8.52 -0.10 -0.46
C CYS A 20 -9.86 -0.81 -0.28
N ASP A 21 -10.39 -1.33 -1.38
CA ASP A 21 -11.67 -2.04 -1.34
C ASP A 21 -11.46 -3.56 -1.40
N SER A 22 -12.30 -4.29 -0.69
CA SER A 22 -12.19 -5.75 -0.66
C SER A 22 -10.82 -6.19 -0.18
N GLY A 23 -10.17 -5.33 0.59
CA GLY A 23 -8.85 -5.64 1.10
C GLY A 23 -7.85 -5.98 0.01
N GLU A 24 -8.14 -5.51 -1.21
CA GLU A 24 -7.27 -5.77 -2.35
C GLU A 24 -6.33 -4.60 -2.59
N CYS A 25 -5.03 -4.90 -2.68
CA CYS A 25 -4.02 -3.87 -2.91
C CYS A 25 -3.50 -3.93 -4.33
N CYS A 26 -2.78 -2.89 -4.75
CA CYS A 26 -2.23 -2.82 -6.09
C CYS A 26 -1.31 -4.02 -6.36
N GLN A 27 -0.86 -4.15 -7.60
CA GLN A 27 0.02 -5.25 -7.98
C GLN A 27 1.30 -5.24 -7.14
N LYS A 28 2.10 -4.20 -7.31
CA LYS A 28 3.35 -4.07 -6.57
C LYS A 28 3.72 -2.60 -6.38
N GLN A 29 4.72 -2.36 -5.54
CA GLN A 29 5.17 -1.00 -5.27
C GLN A 29 6.68 -0.94 -5.09
N TYR A 30 7.27 0.21 -5.40
CA TYR A 30 8.72 0.38 -5.29
C TYR A 30 9.09 0.88 -3.90
N LEU A 31 9.55 -0.03 -3.05
CA LEU A 31 9.95 0.32 -1.69
C LEU A 31 11.33 -0.24 -1.36
N TRP A 32 12.13 0.56 -0.67
CA TRP A 32 13.48 0.15 -0.29
C TRP A 32 14.31 -0.18 -1.52
N TYR A 33 14.08 0.55 -2.61
CA TYR A 33 14.80 0.33 -3.85
C TYR A 33 14.53 -1.07 -4.40
N LYS A 34 13.30 -1.54 -4.21
CA LYS A 34 12.92 -2.86 -4.69
C LYS A 34 11.40 -2.96 -4.84
N TRP A 35 10.96 -3.77 -5.80
CA TRP A 35 9.53 -3.95 -6.04
C TRP A 35 8.94 -4.99 -5.08
N ARG A 36 8.16 -4.51 -4.11
CA ARG A 36 7.54 -5.39 -3.13
C ARG A 36 6.03 -5.30 -3.21
N PRO A 37 5.34 -6.38 -2.80
CA PRO A 37 3.88 -6.46 -2.82
C PRO A 37 3.24 -5.54 -1.78
N LEU A 38 1.91 -5.46 -1.80
CA LEU A 38 1.19 -4.62 -0.86
C LEU A 38 0.03 -5.39 -0.23
N ASP A 39 -0.26 -5.09 1.04
CA ASP A 39 -1.34 -5.74 1.76
C ASP A 39 -2.04 -4.77 2.70
N CYS A 40 -3.36 -4.86 2.77
CA CYS A 40 -4.15 -3.98 3.64
C CYS A 40 -3.98 -4.38 5.10
N ARG A 41 -3.20 -3.60 5.83
CA ARG A 41 -2.96 -3.87 7.25
C ARG A 41 -3.67 -2.84 8.12
N CYS A 42 -4.13 -3.29 9.30
CA CYS A 42 -4.83 -2.42 10.23
C CYS A 42 -3.98 -2.16 11.47
N LEU A 43 -3.32 -1.00 11.51
CA LEU A 43 -2.48 -0.63 12.63
C LEU A 43 -2.78 0.79 13.09
N LYS A 44 -2.42 1.09 14.34
CA LYS A 44 -2.64 2.42 14.89
C LYS A 44 -1.54 2.79 15.87
N SER A 45 -1.29 4.09 16.00
CA SER A 45 -0.24 4.58 16.91
C SER A 45 -0.85 5.42 18.02
N GLY A 46 -1.29 4.75 19.09
CA GLY A 46 -1.89 5.44 20.21
C GLY A 46 -3.21 6.09 19.86
N PHE A 47 -3.82 5.62 18.77
CA PHE A 47 -5.10 6.16 18.33
C PHE A 47 -6.26 5.31 18.86
N PHE A 48 -7.47 5.81 18.69
CA PHE A 48 -8.66 5.11 19.15
C PHE A 48 -9.26 4.25 18.04
N SER A 49 -9.38 4.84 16.86
CA SER A 49 -9.94 4.14 15.70
C SER A 49 -8.85 3.82 14.68
N SER A 50 -8.39 2.57 14.68
CA SER A 50 -7.35 2.15 13.76
C SER A 50 -7.87 2.10 12.33
N LYS A 51 -7.06 2.59 11.39
CA LYS A 51 -7.45 2.60 9.99
C LYS A 51 -6.68 1.55 9.21
N CYS A 52 -7.33 0.97 8.19
CA CYS A 52 -6.70 -0.06 7.37
C CYS A 52 -6.24 0.52 6.03
N VAL A 53 -4.96 0.33 5.72
CA VAL A 53 -4.40 0.84 4.48
C VAL A 53 -3.36 -0.12 3.91
N CYS A 54 -2.91 0.14 2.69
CA CYS A 54 -1.92 -0.70 2.04
C CYS A 54 -0.55 -0.51 2.67
N ARG A 55 0.11 -1.62 2.98
CA ARG A 55 1.44 -1.57 3.59
C ARG A 55 2.37 -2.58 2.94
N ASP A 56 3.66 -2.47 3.24
CA ASP A 56 4.66 -3.39 2.69
C ASP A 56 4.65 -4.71 3.45
N VAL A 57 4.73 -5.81 2.71
CA VAL A 57 4.73 -7.14 3.31
C VAL A 57 5.84 -8.00 2.72
N SER A 1 14.66 2.64 -14.33
CA SER A 1 14.87 3.47 -13.15
C SER A 1 13.54 3.90 -12.54
N ALA A 2 13.05 3.10 -11.59
CA ALA A 2 11.78 3.39 -10.94
C ALA A 2 11.90 4.62 -10.03
N LYS A 3 10.89 5.49 -10.09
CA LYS A 3 10.88 6.70 -9.28
C LYS A 3 10.12 6.48 -7.98
N ASP A 4 10.24 7.42 -7.05
CA ASP A 4 9.57 7.33 -5.76
C ASP A 4 8.06 7.47 -5.93
N GLY A 5 7.33 6.40 -5.60
CA GLY A 5 5.89 6.42 -5.72
C GLY A 5 5.40 5.61 -6.92
N ASP A 6 6.25 4.73 -7.43
CA ASP A 6 5.90 3.91 -8.57
C ASP A 6 5.22 2.62 -8.12
N VAL A 7 4.27 2.14 -8.93
CA VAL A 7 3.55 0.91 -8.62
C VAL A 7 3.26 0.11 -9.88
N GLU A 8 2.75 -1.11 -9.70
CA GLU A 8 2.44 -1.98 -10.82
C GLU A 8 0.95 -2.34 -10.81
N GLY A 9 0.34 -2.38 -12.00
CA GLY A 9 -1.05 -2.72 -12.11
C GLY A 9 -1.82 -1.75 -12.99
N PRO A 10 -3.16 -1.80 -12.91
CA PRO A 10 -4.03 -0.93 -13.70
C PRO A 10 -3.97 0.53 -13.25
N ALA A 11 -4.01 1.44 -14.21
CA ALA A 11 -3.96 2.86 -13.91
C ALA A 11 -5.14 3.30 -13.05
N GLY A 12 -4.85 3.87 -11.89
CA GLY A 12 -5.90 4.31 -11.00
C GLY A 12 -6.06 3.41 -9.80
N CYS A 13 -5.05 2.57 -9.55
CA CYS A 13 -5.10 1.64 -8.43
C CYS A 13 -4.72 2.35 -7.12
N LYS A 14 -4.51 1.58 -6.07
CA LYS A 14 -4.15 2.13 -4.77
C LYS A 14 -2.64 2.16 -4.59
N LYS A 15 -2.18 2.91 -3.59
CA LYS A 15 -0.75 3.02 -3.32
C LYS A 15 -0.47 2.80 -1.84
N TYR A 16 0.82 2.80 -1.47
CA TYR A 16 1.22 2.60 -0.09
C TYR A 16 0.55 3.63 0.82
N ASP A 17 0.15 3.19 2.02
CA ASP A 17 -0.50 4.06 2.98
C ASP A 17 -1.77 4.67 2.39
N VAL A 18 -2.55 3.84 1.70
CA VAL A 18 -3.79 4.30 1.10
C VAL A 18 -4.89 3.25 1.24
N GLU A 19 -6.10 3.71 1.54
CA GLU A 19 -7.24 2.81 1.71
C GLU A 19 -7.53 2.06 0.41
N CYS A 20 -8.21 0.92 0.54
CA CYS A 20 -8.55 0.10 -0.62
C CYS A 20 -9.84 -0.68 -0.37
N ASP A 21 -10.36 -1.30 -1.42
CA ASP A 21 -11.59 -2.08 -1.32
C ASP A 21 -11.27 -3.57 -1.18
N SER A 22 -12.08 -4.27 -0.39
CA SER A 22 -11.89 -5.70 -0.16
C SER A 22 -10.48 -5.98 0.35
N GLY A 23 -9.88 -4.98 1.00
CA GLY A 23 -8.55 -5.14 1.54
C GLY A 23 -7.54 -5.56 0.48
N GLU A 24 -7.85 -5.27 -0.78
CA GLU A 24 -6.97 -5.62 -1.88
C GLU A 24 -6.11 -4.43 -2.29
N CYS A 25 -4.80 -4.64 -2.35
CA CYS A 25 -3.87 -3.59 -2.73
C CYS A 25 -3.33 -3.81 -4.13
N CYS A 26 -2.67 -2.79 -4.67
CA CYS A 26 -2.10 -2.86 -6.01
C CYS A 26 -1.18 -4.07 -6.15
N GLN A 27 -0.78 -4.37 -7.38
CA GLN A 27 0.09 -5.50 -7.64
C GLN A 27 1.38 -5.40 -6.83
N LYS A 28 2.17 -4.37 -7.09
CA LYS A 28 3.42 -4.16 -6.38
C LYS A 28 3.76 -2.67 -6.32
N GLN A 29 4.65 -2.31 -5.40
CA GLN A 29 5.06 -0.92 -5.24
C GLN A 29 6.56 -0.83 -4.94
N TYR A 30 7.20 0.22 -5.45
CA TYR A 30 8.62 0.42 -5.25
C TYR A 30 8.90 0.91 -3.83
N LEU A 31 9.12 -0.02 -2.92
CA LEU A 31 9.40 0.32 -1.53
C LEU A 31 10.83 -0.07 -1.15
N TRP A 32 11.51 0.84 -0.46
CA TRP A 32 12.88 0.60 -0.05
C TRP A 32 13.75 0.17 -1.23
N TYR A 33 13.55 0.81 -2.37
CA TYR A 33 14.31 0.49 -3.56
C TYR A 33 14.13 -0.97 -3.95
N LYS A 34 12.91 -1.47 -3.79
CA LYS A 34 12.59 -2.86 -4.12
C LYS A 34 11.11 -3.02 -4.41
N TRP A 35 10.79 -3.89 -5.35
CA TRP A 35 9.40 -4.14 -5.73
C TRP A 35 8.78 -5.21 -4.82
N ARG A 36 7.89 -4.77 -3.93
CA ARG A 36 7.22 -5.67 -3.00
C ARG A 36 5.71 -5.51 -3.07
N PRO A 37 4.98 -6.56 -2.66
CA PRO A 37 3.51 -6.54 -2.67
C PRO A 37 2.93 -5.60 -1.61
N LEU A 38 1.61 -5.45 -1.61
CA LEU A 38 0.94 -4.59 -0.65
C LEU A 38 -0.26 -5.29 -0.03
N ASP A 39 -0.51 -4.99 1.25
CA ASP A 39 -1.63 -5.59 1.97
C ASP A 39 -2.27 -4.59 2.91
N CYS A 40 -3.60 -4.51 2.86
CA CYS A 40 -4.34 -3.59 3.71
C CYS A 40 -4.32 -4.05 5.16
N ARG A 41 -3.30 -3.65 5.90
CA ARG A 41 -3.15 -4.02 7.31
C ARG A 41 -3.80 -2.97 8.21
N CYS A 42 -4.37 -3.43 9.32
CA CYS A 42 -5.03 -2.54 10.27
C CYS A 42 -4.16 -2.35 11.51
N LEU A 43 -3.65 -1.13 11.69
CA LEU A 43 -2.81 -0.82 12.84
C LEU A 43 -3.04 0.61 13.32
N LYS A 44 -2.84 0.84 14.61
CA LYS A 44 -3.03 2.17 15.18
C LYS A 44 -1.93 2.48 16.19
N SER A 45 -1.57 3.76 16.28
CA SER A 45 -0.52 4.20 17.20
C SER A 45 -1.06 5.24 18.17
N GLY A 46 -1.66 4.78 19.26
CA GLY A 46 -2.20 5.69 20.25
C GLY A 46 -3.66 6.03 19.99
N PHE A 47 -3.99 6.26 18.72
CA PHE A 47 -5.36 6.61 18.34
C PHE A 47 -6.29 5.42 18.58
N PHE A 48 -7.54 5.73 18.94
CA PHE A 48 -8.53 4.69 19.21
C PHE A 48 -9.02 4.07 17.90
N SER A 49 -9.53 4.91 17.00
CA SER A 49 -10.03 4.44 15.72
C SER A 49 -8.89 4.01 14.80
N SER A 50 -8.67 2.70 14.71
CA SER A 50 -7.60 2.16 13.88
C SER A 50 -7.98 2.24 12.40
N LYS A 51 -7.00 2.58 11.57
CA LYS A 51 -7.23 2.69 10.13
C LYS A 51 -6.45 1.61 9.38
N CYS A 52 -7.08 1.04 8.35
CA CYS A 52 -6.45 0.00 7.55
C CYS A 52 -5.98 0.56 6.21
N VAL A 53 -4.70 0.35 5.91
CA VAL A 53 -4.12 0.83 4.66
C VAL A 53 -3.10 -0.15 4.11
N CYS A 54 -2.79 -0.02 2.83
CA CYS A 54 -1.82 -0.90 2.18
C CYS A 54 -0.44 -0.76 2.82
N ARG A 55 0.26 -1.88 2.98
CA ARG A 55 1.59 -1.88 3.57
C ARG A 55 2.45 -2.97 2.97
N ASP A 56 3.76 -2.85 3.13
CA ASP A 56 4.70 -3.83 2.60
C ASP A 56 4.56 -5.16 3.32
N VAL A 57 4.57 -6.25 2.56
CA VAL A 57 4.43 -7.59 3.12
C VAL A 57 5.31 -8.58 2.38
N SER A 1 15.81 3.26 -13.13
CA SER A 1 15.24 3.15 -11.80
C SER A 1 13.85 3.78 -11.76
N ALA A 2 13.11 3.50 -10.69
CA ALA A 2 11.76 4.03 -10.52
C ALA A 2 11.72 5.10 -9.44
N LYS A 3 10.88 6.11 -9.64
CA LYS A 3 10.75 7.20 -8.69
C LYS A 3 10.13 6.71 -7.38
N ASP A 4 10.16 7.55 -6.37
CA ASP A 4 9.60 7.20 -5.07
C ASP A 4 8.08 7.20 -5.12
N GLY A 5 7.47 6.15 -4.60
CA GLY A 5 6.02 6.05 -4.59
C GLY A 5 5.48 5.43 -5.87
N ASP A 6 6.33 4.72 -6.60
CA ASP A 6 5.95 4.08 -7.85
C ASP A 6 5.18 2.79 -7.57
N VAL A 7 4.16 2.53 -8.38
CA VAL A 7 3.35 1.33 -8.22
C VAL A 7 3.01 0.70 -9.57
N GLU A 8 2.55 -0.54 -9.54
CA GLU A 8 2.21 -1.26 -10.77
C GLU A 8 0.73 -1.62 -10.79
N GLY A 9 0.12 -1.55 -11.97
CA GLY A 9 -1.29 -1.86 -12.10
C GLY A 9 -2.06 -0.78 -12.83
N PRO A 10 -3.40 -0.84 -12.75
CA PRO A 10 -4.28 0.13 -13.41
C PRO A 10 -4.20 1.52 -12.77
N ALA A 11 -4.34 2.55 -13.60
CA ALA A 11 -4.29 3.92 -13.10
C ALA A 11 -5.47 4.23 -12.19
N GLY A 12 -5.18 4.65 -10.97
CA GLY A 12 -6.23 4.97 -10.02
C GLY A 12 -6.40 3.90 -8.96
N CYS A 13 -5.41 3.02 -8.85
CA CYS A 13 -5.46 1.93 -7.87
C CYS A 13 -5.19 2.46 -6.46
N LYS A 14 -5.00 1.55 -5.52
CA LYS A 14 -4.73 1.91 -4.14
C LYS A 14 -3.23 1.91 -3.85
N LYS A 15 -2.68 3.07 -3.56
CA LYS A 15 -1.26 3.19 -3.27
C LYS A 15 -0.97 2.87 -1.80
N TYR A 16 0.30 2.87 -1.44
CA TYR A 16 0.71 2.57 -0.06
C TYR A 16 0.10 3.58 0.91
N ASP A 17 -0.20 3.12 2.12
CA ASP A 17 -0.78 3.97 3.14
C ASP A 17 -2.15 4.48 2.71
N VAL A 18 -2.92 3.60 2.08
CA VAL A 18 -4.26 3.96 1.62
C VAL A 18 -5.22 2.77 1.73
N GLU A 19 -6.45 3.05 2.15
CA GLU A 19 -7.46 2.01 2.30
C GLU A 19 -7.78 1.36 0.95
N CYS A 20 -8.33 0.16 1.00
CA CYS A 20 -8.68 -0.57 -0.22
C CYS A 20 -9.93 -1.43 0.00
N ASP A 21 -10.45 -1.99 -1.08
CA ASP A 21 -11.63 -2.85 -1.00
C ASP A 21 -11.24 -4.32 -1.00
N SER A 22 -11.98 -5.12 -0.24
CA SER A 22 -11.70 -6.56 -0.16
C SER A 22 -10.27 -6.80 0.29
N GLY A 23 -9.70 -5.84 1.00
CA GLY A 23 -8.33 -5.97 1.48
C GLY A 23 -7.35 -6.24 0.36
N GLU A 24 -7.73 -5.86 -0.86
CA GLU A 24 -6.87 -6.06 -2.02
C GLU A 24 -6.08 -4.79 -2.34
N CYS A 25 -4.77 -4.94 -2.46
CA CYS A 25 -3.90 -3.81 -2.77
C CYS A 25 -3.42 -3.86 -4.21
N CYS A 26 -2.80 -2.78 -4.67
CA CYS A 26 -2.28 -2.70 -6.04
C CYS A 26 -1.37 -3.90 -6.35
N GLN A 27 -1.00 -4.03 -7.61
CA GLN A 27 -0.13 -5.12 -8.04
C GLN A 27 1.16 -5.13 -7.24
N LYS A 28 1.96 -4.08 -7.40
CA LYS A 28 3.24 -3.97 -6.69
C LYS A 28 3.58 -2.50 -6.42
N GLN A 29 4.55 -2.29 -5.53
CA GLN A 29 4.97 -0.93 -5.19
C GLN A 29 6.47 -0.89 -4.92
N TYR A 30 7.13 0.18 -5.39
CA TYR A 30 8.55 0.33 -5.19
C TYR A 30 8.86 0.89 -3.80
N LEU A 31 9.28 0.00 -2.90
CA LEU A 31 9.61 0.40 -1.54
C LEU A 31 11.02 -0.04 -1.15
N TRP A 32 11.78 0.88 -0.57
CA TRP A 32 13.16 0.57 -0.16
C TRP A 32 14.00 0.13 -1.35
N TYR A 33 13.93 0.89 -2.44
CA TYR A 33 14.68 0.57 -3.65
C TYR A 33 14.43 -0.87 -4.08
N LYS A 34 13.20 -1.33 -3.88
CA LYS A 34 12.82 -2.69 -4.25
C LYS A 34 11.31 -2.82 -4.41
N TRP A 35 10.89 -3.44 -5.50
CA TRP A 35 9.46 -3.62 -5.77
C TRP A 35 8.87 -4.71 -4.86
N ARG A 36 8.09 -4.30 -3.88
CA ARG A 36 7.46 -5.25 -2.95
C ARG A 36 5.95 -5.17 -3.05
N PRO A 37 5.27 -6.29 -2.70
CA PRO A 37 3.82 -6.38 -2.74
C PRO A 37 3.15 -5.53 -1.66
N LEU A 38 1.83 -5.47 -1.69
CA LEU A 38 1.07 -4.70 -0.71
C LEU A 38 -0.02 -5.53 -0.07
N ASP A 39 -0.31 -5.26 1.20
CA ASP A 39 -1.34 -6.00 1.93
C ASP A 39 -2.03 -5.09 2.94
N CYS A 40 -3.36 -5.03 2.86
CA CYS A 40 -4.14 -4.21 3.77
C CYS A 40 -4.07 -4.74 5.20
N ARG A 41 -3.68 -3.87 6.13
CA ARG A 41 -3.57 -4.27 7.53
C ARG A 41 -4.06 -3.15 8.45
N CYS A 42 -4.72 -3.53 9.54
CA CYS A 42 -5.25 -2.57 10.49
C CYS A 42 -4.27 -2.36 11.64
N LEU A 43 -3.44 -1.34 11.53
CA LEU A 43 -2.45 -1.03 12.57
C LEU A 43 -2.24 0.48 12.70
N LYS A 44 -2.47 1.00 13.90
CA LYS A 44 -2.31 2.42 14.15
C LYS A 44 -1.78 2.66 15.57
N SER A 45 -0.91 3.66 15.71
CA SER A 45 -0.33 3.99 17.00
C SER A 45 -0.62 5.43 17.38
N GLY A 46 -1.29 5.63 18.51
CA GLY A 46 -1.63 6.97 18.95
C GLY A 46 -3.11 7.24 18.89
N PHE A 47 -3.75 6.80 17.81
CA PHE A 47 -5.18 7.01 17.63
C PHE A 47 -5.99 6.01 18.45
N PHE A 48 -7.13 6.46 18.95
CA PHE A 48 -8.00 5.60 19.76
C PHE A 48 -8.37 4.33 19.00
N SER A 49 -8.34 4.41 17.67
CA SER A 49 -8.68 3.27 16.83
C SER A 49 -7.61 3.04 15.77
N SER A 50 -7.87 2.12 14.85
CA SER A 50 -6.93 1.81 13.78
C SER A 50 -7.67 1.54 12.46
N LYS A 51 -7.12 2.06 11.38
CA LYS A 51 -7.71 1.88 10.06
C LYS A 51 -6.88 0.93 9.21
N CYS A 52 -7.55 0.23 8.30
CA CYS A 52 -6.88 -0.72 7.42
C CYS A 52 -6.34 -0.02 6.18
N VAL A 53 -5.05 -0.19 5.93
CA VAL A 53 -4.41 0.42 4.76
C VAL A 53 -3.34 -0.49 4.17
N CYS A 54 -3.12 -0.37 2.87
CA CYS A 54 -2.12 -1.19 2.18
C CYS A 54 -0.73 -0.96 2.77
N ARG A 55 -0.15 -2.02 3.32
CA ARG A 55 1.19 -1.93 3.91
C ARG A 55 2.12 -2.98 3.30
N ASP A 56 3.41 -2.69 3.34
CA ASP A 56 4.41 -3.61 2.80
C ASP A 56 4.52 -4.87 3.65
N VAL A 57 4.65 -6.01 2.98
CA VAL A 57 4.75 -7.29 3.68
C VAL A 57 6.06 -7.99 3.33
N SER A 1 13.14 3.36 -14.36
CA SER A 1 13.58 4.47 -13.52
C SER A 1 12.57 4.72 -12.40
N ALA A 2 12.22 3.66 -11.67
CA ALA A 2 11.27 3.77 -10.58
C ALA A 2 11.77 4.75 -9.51
N LYS A 3 10.84 5.36 -8.79
CA LYS A 3 11.18 6.30 -7.75
C LYS A 3 10.19 6.22 -6.59
N ASP A 4 10.36 7.10 -5.60
CA ASP A 4 9.48 7.12 -4.44
C ASP A 4 8.05 7.50 -4.84
N GLY A 5 7.13 6.56 -4.65
CA GLY A 5 5.74 6.81 -5.00
C GLY A 5 5.34 6.12 -6.29
N ASP A 6 6.12 5.12 -6.69
CA ASP A 6 5.83 4.38 -7.92
C ASP A 6 5.26 3.00 -7.60
N VAL A 7 4.27 2.58 -8.39
CA VAL A 7 3.63 1.30 -8.19
C VAL A 7 3.48 0.55 -9.51
N GLU A 8 2.99 -0.69 -9.44
CA GLU A 8 2.81 -1.51 -10.63
C GLU A 8 1.34 -1.93 -10.77
N GLY A 9 0.84 -1.86 -12.00
CA GLY A 9 -0.54 -2.23 -12.26
C GLY A 9 -1.27 -1.21 -13.11
N PRO A 10 -2.61 -1.31 -13.15
CA PRO A 10 -3.44 -0.39 -13.92
C PRO A 10 -3.47 1.02 -13.34
N ALA A 11 -3.43 2.02 -14.22
CA ALA A 11 -3.45 3.41 -13.78
C ALA A 11 -4.74 3.73 -13.02
N GLY A 12 -4.59 4.22 -11.80
CA GLY A 12 -5.74 4.55 -10.99
C GLY A 12 -5.90 3.63 -9.79
N CYS A 13 -5.06 2.61 -9.71
CA CYS A 13 -5.11 1.65 -8.62
C CYS A 13 -4.81 2.33 -7.28
N LYS A 14 -4.62 1.53 -6.24
CA LYS A 14 -4.33 2.05 -4.92
C LYS A 14 -2.82 2.09 -4.67
N LYS A 15 -2.41 2.84 -3.65
CA LYS A 15 -0.99 2.95 -3.31
C LYS A 15 -0.78 2.77 -1.81
N TYR A 16 0.47 2.77 -1.39
CA TYR A 16 0.81 2.61 0.02
C TYR A 16 0.13 3.68 0.87
N ASP A 17 -0.27 3.31 2.08
CA ASP A 17 -0.93 4.24 2.99
C ASP A 17 -2.27 4.70 2.42
N VAL A 18 -3.00 3.77 1.82
CA VAL A 18 -4.30 4.07 1.24
C VAL A 18 -5.25 2.89 1.38
N GLU A 19 -6.52 3.19 1.67
CA GLU A 19 -7.53 2.15 1.82
C GLU A 19 -7.90 1.54 0.47
N CYS A 20 -8.41 0.31 0.51
CA CYS A 20 -8.79 -0.39 -0.71
C CYS A 20 -10.02 -1.27 -0.47
N ASP A 21 -10.52 -1.88 -1.54
CA ASP A 21 -11.69 -2.75 -1.44
C ASP A 21 -11.27 -4.21 -1.33
N SER A 22 -12.02 -4.98 -0.55
CA SER A 22 -11.71 -6.40 -0.36
C SER A 22 -10.29 -6.59 0.14
N GLY A 23 -9.75 -5.57 0.80
CA GLY A 23 -8.41 -5.64 1.32
C GLY A 23 -7.39 -5.97 0.24
N GLU A 24 -7.74 -5.68 -1.01
CA GLU A 24 -6.84 -5.96 -2.13
C GLU A 24 -6.07 -4.70 -2.52
N CYS A 25 -4.75 -4.82 -2.60
CA CYS A 25 -3.89 -3.71 -2.96
C CYS A 25 -3.36 -3.86 -4.38
N CYS A 26 -2.72 -2.82 -4.90
CA CYS A 26 -2.17 -2.85 -6.25
C CYS A 26 -1.25 -4.06 -6.44
N GLN A 27 -0.82 -4.27 -7.67
CA GLN A 27 0.06 -5.40 -7.99
C GLN A 27 1.30 -5.37 -7.11
N LYS A 28 2.10 -4.32 -7.26
CA LYS A 28 3.32 -4.18 -6.47
C LYS A 28 3.69 -2.72 -6.30
N GLN A 29 4.66 -2.45 -5.43
CA GLN A 29 5.11 -1.08 -5.18
C GLN A 29 6.62 -1.03 -4.99
N TYR A 30 7.21 0.13 -5.29
CA TYR A 30 8.65 0.31 -5.17
C TYR A 30 9.02 0.81 -3.77
N LEU A 31 9.38 -0.12 -2.90
CA LEU A 31 9.76 0.21 -1.53
C LEU A 31 11.14 -0.34 -1.19
N TRP A 32 11.94 0.47 -0.51
CA TRP A 32 13.28 0.06 -0.12
C TRP A 32 14.11 -0.32 -1.34
N TYR A 33 13.95 0.44 -2.42
CA TYR A 33 14.68 0.19 -3.66
C TYR A 33 14.41 -1.22 -4.18
N LYS A 34 13.17 -1.67 -4.02
CA LYS A 34 12.77 -2.99 -4.47
C LYS A 34 11.26 -3.09 -4.65
N TRP A 35 10.83 -3.93 -5.59
CA TRP A 35 9.41 -4.10 -5.85
C TRP A 35 8.79 -5.12 -4.90
N ARG A 36 8.01 -4.62 -3.95
CA ARG A 36 7.35 -5.49 -2.97
C ARG A 36 5.84 -5.40 -3.09
N PRO A 37 5.15 -6.47 -2.68
CA PRO A 37 3.68 -6.55 -2.73
C PRO A 37 3.02 -5.61 -1.73
N LEU A 38 1.69 -5.54 -1.77
CA LEU A 38 0.94 -4.68 -0.87
C LEU A 38 -0.24 -5.43 -0.26
N ASP A 39 -0.73 -4.94 0.88
CA ASP A 39 -1.86 -5.57 1.55
C ASP A 39 -2.47 -4.62 2.57
N CYS A 40 -3.80 -4.50 2.54
CA CYS A 40 -4.51 -3.61 3.46
C CYS A 40 -4.52 -4.19 4.88
N ARG A 41 -3.67 -3.63 5.74
CA ARG A 41 -3.57 -4.08 7.11
C ARG A 41 -4.18 -3.06 8.07
N CYS A 42 -4.67 -3.54 9.21
CA CYS A 42 -5.27 -2.66 10.20
C CYS A 42 -4.37 -2.52 11.43
N LEU A 43 -3.76 -1.36 11.57
CA LEU A 43 -2.88 -1.10 12.71
C LEU A 43 -2.99 0.35 13.17
N LYS A 44 -2.64 0.60 14.42
CA LYS A 44 -2.69 1.94 14.98
C LYS A 44 -1.49 2.22 15.87
N SER A 45 -1.00 3.45 15.85
CA SER A 45 0.15 3.84 16.66
C SER A 45 -0.28 4.75 17.79
N GLY A 46 -0.69 4.17 18.91
CA GLY A 46 -1.11 4.94 20.05
C GLY A 46 -2.24 5.90 19.73
N PHE A 47 -2.98 5.59 18.66
CA PHE A 47 -4.10 6.43 18.23
C PHE A 47 -5.40 5.94 18.83
N PHE A 48 -6.46 6.74 18.68
CA PHE A 48 -7.77 6.38 19.20
C PHE A 48 -8.58 5.60 18.17
N SER A 49 -8.46 6.02 16.91
CA SER A 49 -9.19 5.35 15.83
C SER A 49 -8.22 4.67 14.87
N SER A 50 -8.35 3.35 14.77
CA SER A 50 -7.49 2.57 13.89
C SER A 50 -8.10 2.44 12.50
N LYS A 51 -7.30 2.68 11.46
CA LYS A 51 -7.75 2.59 10.09
C LYS A 51 -6.94 1.57 9.31
N CYS A 52 -7.60 0.89 8.36
CA CYS A 52 -6.94 -0.12 7.55
C CYS A 52 -6.51 0.46 6.21
N VAL A 53 -5.24 0.31 5.88
CA VAL A 53 -4.70 0.80 4.62
C VAL A 53 -3.63 -0.12 4.06
N CYS A 54 -3.28 0.07 2.80
CA CYS A 54 -2.27 -0.76 2.15
C CYS A 54 -0.92 -0.61 2.85
N ARG A 55 -0.23 -1.73 3.05
CA ARG A 55 1.07 -1.72 3.70
C ARG A 55 2.03 -2.69 3.02
N ASP A 56 3.31 -2.55 3.30
CA ASP A 56 4.33 -3.41 2.71
C ASP A 56 4.48 -4.70 3.51
N VAL A 57 4.25 -5.83 2.84
CA VAL A 57 4.35 -7.13 3.49
C VAL A 57 5.57 -7.89 2.99
N SER A 1 15.14 4.93 -13.93
CA SER A 1 14.82 4.10 -12.77
C SER A 1 13.55 4.60 -12.08
N ALA A 2 13.08 3.85 -11.10
CA ALA A 2 11.88 4.20 -10.35
C ALA A 2 12.22 5.16 -9.20
N LYS A 3 11.21 5.85 -8.70
CA LYS A 3 11.40 6.79 -7.60
C LYS A 3 10.43 6.49 -6.46
N ASP A 4 10.48 7.32 -5.42
CA ASP A 4 9.60 7.13 -4.27
C ASP A 4 8.15 7.46 -4.63
N GLY A 5 7.24 6.54 -4.32
CA GLY A 5 5.84 6.76 -4.62
C GLY A 5 5.43 6.12 -5.94
N ASP A 6 6.24 5.19 -6.42
CA ASP A 6 5.95 4.50 -7.67
C ASP A 6 5.23 3.18 -7.43
N VAL A 7 4.22 2.89 -8.26
CA VAL A 7 3.46 1.66 -8.12
C VAL A 7 3.24 1.00 -9.48
N GLU A 8 2.85 -0.27 -9.46
CA GLU A 8 2.60 -1.01 -10.69
C GLU A 8 1.21 -1.63 -10.68
N GLY A 9 0.57 -1.67 -11.84
CA GLY A 9 -0.76 -2.25 -11.94
C GLY A 9 -1.68 -1.41 -12.81
N PRO A 10 -3.00 -1.69 -12.72
CA PRO A 10 -4.01 -0.98 -13.49
C PRO A 10 -4.18 0.47 -13.02
N ALA A 11 -4.40 1.37 -13.98
CA ALA A 11 -4.57 2.78 -13.67
C ALA A 11 -5.81 3.00 -12.80
N GLY A 12 -5.61 3.61 -11.64
CA GLY A 12 -6.73 3.86 -10.74
C GLY A 12 -6.68 2.98 -9.52
N CYS A 13 -5.63 2.18 -9.39
CA CYS A 13 -5.47 1.28 -8.25
C CYS A 13 -5.28 2.06 -6.96
N LYS A 14 -4.95 1.35 -5.89
CA LYS A 14 -4.73 1.98 -4.58
C LYS A 14 -3.26 1.90 -4.18
N LYS A 15 -2.60 3.05 -4.18
CA LYS A 15 -1.19 3.12 -3.81
C LYS A 15 -1.02 2.93 -2.30
N TYR A 16 0.24 2.89 -1.86
CA TYR A 16 0.54 2.72 -0.45
C TYR A 16 -0.07 3.84 0.38
N ASP A 17 -0.31 3.56 1.66
CA ASP A 17 -0.89 4.55 2.56
C ASP A 17 -2.26 5.00 2.06
N VAL A 18 -3.05 4.05 1.56
CA VAL A 18 -4.37 4.36 1.05
C VAL A 18 -5.32 3.16 1.20
N GLU A 19 -6.58 3.44 1.50
CA GLU A 19 -7.57 2.39 1.67
C GLU A 19 -7.84 1.66 0.35
N CYS A 20 -8.54 0.54 0.44
CA CYS A 20 -8.86 -0.25 -0.74
C CYS A 20 -10.06 -1.15 -0.48
N ASP A 21 -10.60 -1.73 -1.55
CA ASP A 21 -11.75 -2.62 -1.45
C ASP A 21 -11.31 -4.07 -1.39
N SER A 22 -12.04 -4.88 -0.62
CA SER A 22 -11.72 -6.30 -0.47
C SER A 22 -10.28 -6.48 0.01
N GLY A 23 -9.76 -5.47 0.70
CA GLY A 23 -8.40 -5.54 1.21
C GLY A 23 -7.39 -5.86 0.13
N GLU A 24 -7.73 -5.52 -1.12
CA GLU A 24 -6.84 -5.77 -2.25
C GLU A 24 -6.03 -4.53 -2.59
N CYS A 25 -4.72 -4.69 -2.67
CA CYS A 25 -3.83 -3.58 -2.99
C CYS A 25 -3.31 -3.70 -4.43
N CYS A 26 -2.63 -2.66 -4.90
CA CYS A 26 -2.08 -2.64 -6.24
C CYS A 26 -1.17 -3.86 -6.47
N GLN A 27 -0.82 -4.11 -7.72
CA GLN A 27 0.03 -5.23 -8.07
C GLN A 27 1.33 -5.19 -7.28
N LYS A 28 2.13 -4.14 -7.48
CA LYS A 28 3.40 -3.98 -6.79
C LYS A 28 3.68 -2.51 -6.50
N GLN A 29 4.68 -2.27 -5.67
CA GLN A 29 5.06 -0.90 -5.31
C GLN A 29 6.55 -0.81 -5.00
N TYR A 30 7.18 0.28 -5.46
CA TYR A 30 8.59 0.48 -5.24
C TYR A 30 8.86 0.98 -3.83
N LEU A 31 9.37 0.09 -2.98
CA LEU A 31 9.67 0.44 -1.59
C LEU A 31 11.05 -0.05 -1.19
N TRP A 32 11.81 0.80 -0.50
CA TRP A 32 13.15 0.44 -0.05
C TRP A 32 14.04 0.07 -1.24
N TYR A 33 13.85 0.78 -2.34
CA TYR A 33 14.63 0.53 -3.55
C TYR A 33 14.37 -0.87 -4.09
N LYS A 34 13.14 -1.35 -3.91
CA LYS A 34 12.77 -2.68 -4.37
C LYS A 34 11.25 -2.79 -4.51
N TRP A 35 10.80 -3.41 -5.59
CA TRP A 35 9.37 -3.58 -5.84
C TRP A 35 8.79 -4.67 -4.94
N ARG A 36 8.02 -4.25 -3.94
CA ARG A 36 7.41 -5.19 -3.00
C ARG A 36 5.89 -5.15 -3.11
N PRO A 37 5.23 -6.26 -2.75
CA PRO A 37 3.77 -6.37 -2.80
C PRO A 37 3.10 -5.52 -1.73
N LEU A 38 1.77 -5.48 -1.77
CA LEU A 38 1.00 -4.70 -0.80
C LEU A 38 -0.17 -5.51 -0.26
N ASP A 39 -0.70 -5.10 0.89
CA ASP A 39 -1.82 -5.77 1.51
C ASP A 39 -2.46 -4.90 2.58
N CYS A 40 -3.77 -4.66 2.43
CA CYS A 40 -4.51 -3.83 3.37
C CYS A 40 -4.47 -4.44 4.77
N ARG A 41 -3.72 -3.80 5.67
CA ARG A 41 -3.61 -4.28 7.04
C ARG A 41 -4.18 -3.26 8.02
N CYS A 42 -4.81 -3.76 9.08
CA CYS A 42 -5.41 -2.89 10.09
C CYS A 42 -4.53 -2.84 11.34
N LEU A 43 -3.82 -1.73 11.50
CA LEU A 43 -2.94 -1.54 12.65
C LEU A 43 -2.96 -0.08 13.12
N LYS A 44 -2.76 0.12 14.42
CA LYS A 44 -2.75 1.46 14.99
C LYS A 44 -1.55 1.64 15.91
N SER A 45 -0.95 2.82 15.87
CA SER A 45 0.21 3.13 16.70
C SER A 45 -0.10 4.27 17.66
N GLY A 46 -0.68 3.93 18.81
CA GLY A 46 -1.02 4.93 19.80
C GLY A 46 -2.06 5.92 19.29
N PHE A 47 -2.82 5.50 18.29
CA PHE A 47 -3.86 6.35 17.72
C PHE A 47 -5.21 6.12 18.40
N PHE A 48 -6.19 6.94 18.06
CA PHE A 48 -7.52 6.82 18.64
C PHE A 48 -8.39 5.87 17.82
N SER A 49 -8.53 6.17 16.54
CA SER A 49 -9.34 5.35 15.65
C SER A 49 -8.47 4.64 14.63
N SER A 50 -8.26 3.34 14.83
CA SER A 50 -7.44 2.54 13.94
C SER A 50 -8.00 2.55 12.52
N LYS A 51 -7.11 2.62 11.54
CA LYS A 51 -7.52 2.64 10.13
C LYS A 51 -6.78 1.57 9.34
N CYS A 52 -7.48 0.94 8.40
CA CYS A 52 -6.89 -0.10 7.57
C CYS A 52 -6.40 0.49 6.24
N VAL A 53 -5.13 0.26 5.94
CA VAL A 53 -4.54 0.76 4.70
C VAL A 53 -3.56 -0.26 4.11
N CYS A 54 -3.16 -0.04 2.87
CA CYS A 54 -2.23 -0.93 2.19
C CYS A 54 -0.88 -0.95 2.91
N ARG A 55 -0.34 -2.15 3.11
CA ARG A 55 0.94 -2.31 3.80
C ARG A 55 1.82 -3.31 3.07
N ASP A 56 3.10 -3.01 2.98
CA ASP A 56 4.06 -3.89 2.31
C ASP A 56 4.23 -5.19 3.07
N VAL A 57 4.11 -6.31 2.37
CA VAL A 57 4.25 -7.63 2.98
C VAL A 57 5.39 -8.41 2.35
N SER A 1 14.07 1.51 -13.31
CA SER A 1 14.20 2.97 -13.19
C SER A 1 12.91 3.58 -12.65
N ALA A 2 12.61 3.30 -11.39
CA ALA A 2 11.41 3.82 -10.75
C ALA A 2 11.76 4.79 -9.64
N LYS A 3 10.78 5.61 -9.24
CA LYS A 3 10.98 6.59 -8.18
C LYS A 3 10.11 6.28 -6.97
N ASP A 4 10.30 7.03 -5.90
CA ASP A 4 9.52 6.84 -4.68
C ASP A 4 8.05 7.17 -4.92
N GLY A 5 7.19 6.16 -4.78
CA GLY A 5 5.77 6.36 -4.99
C GLY A 5 5.26 5.72 -6.26
N ASP A 6 6.03 4.77 -6.78
CA ASP A 6 5.67 4.07 -8.00
C ASP A 6 5.01 2.72 -7.68
N VAL A 7 3.97 2.39 -8.44
CA VAL A 7 3.26 1.13 -8.23
C VAL A 7 2.92 0.47 -9.57
N GLU A 8 2.43 -0.77 -9.50
CA GLU A 8 2.08 -1.51 -10.70
C GLU A 8 0.59 -1.87 -10.69
N GLY A 9 -0.03 -1.82 -11.87
CA GLY A 9 -1.43 -2.15 -11.98
C GLY A 9 -2.23 -1.08 -12.72
N PRO A 10 -3.56 -1.14 -12.60
CA PRO A 10 -4.45 -0.18 -13.26
C PRO A 10 -4.36 1.22 -12.65
N ALA A 11 -4.45 2.23 -13.50
CA ALA A 11 -4.38 3.62 -13.05
C ALA A 11 -5.53 3.94 -12.10
N GLY A 12 -5.19 4.39 -10.89
CA GLY A 12 -6.20 4.72 -9.91
C GLY A 12 -6.34 3.67 -8.83
N CYS A 13 -5.35 2.80 -8.73
CA CYS A 13 -5.35 1.74 -7.72
C CYS A 13 -5.05 2.30 -6.34
N LYS A 14 -4.81 1.41 -5.39
CA LYS A 14 -4.51 1.81 -4.01
C LYS A 14 -3.01 1.74 -3.75
N LYS A 15 -2.39 2.91 -3.59
CA LYS A 15 -0.96 2.98 -3.33
C LYS A 15 -0.67 2.79 -1.84
N TYR A 16 0.62 2.75 -1.50
CA TYR A 16 1.02 2.57 -0.11
C TYR A 16 0.32 3.58 0.80
N ASP A 17 -0.10 3.11 1.97
CA ASP A 17 -0.79 3.96 2.94
C ASP A 17 -2.06 4.54 2.33
N VAL A 18 -2.93 3.67 1.84
CA VAL A 18 -4.19 4.09 1.23
C VAL A 18 -5.28 3.04 1.43
N GLU A 19 -6.51 3.50 1.60
CA GLU A 19 -7.64 2.60 1.81
C GLU A 19 -7.83 1.69 0.58
N CYS A 20 -8.47 0.55 0.80
CA CYS A 20 -8.71 -0.40 -0.27
C CYS A 20 -9.99 -1.20 -0.01
N ASP A 21 -10.54 -1.79 -1.07
CA ASP A 21 -11.77 -2.58 -0.95
C ASP A 21 -11.47 -4.07 -1.06
N SER A 22 -12.22 -4.88 -0.33
CA SER A 22 -12.03 -6.32 -0.35
C SER A 22 -10.63 -6.69 0.13
N GLY A 23 -10.00 -5.79 0.88
CA GLY A 23 -8.67 -6.03 1.38
C GLY A 23 -7.67 -6.33 0.28
N GLU A 24 -7.98 -5.86 -0.94
CA GLU A 24 -7.11 -6.08 -2.08
C GLU A 24 -6.22 -4.87 -2.33
N CYS A 25 -4.92 -5.11 -2.42
CA CYS A 25 -3.95 -4.04 -2.65
C CYS A 25 -3.43 -4.07 -4.08
N CYS A 26 -2.79 -2.99 -4.49
CA CYS A 26 -2.23 -2.90 -5.85
C CYS A 26 -1.32 -4.08 -6.13
N GLN A 27 -0.92 -4.22 -7.40
CA GLN A 27 -0.05 -5.31 -7.81
C GLN A 27 1.27 -5.28 -7.04
N LYS A 28 2.03 -4.21 -7.22
CA LYS A 28 3.31 -4.06 -6.54
C LYS A 28 3.65 -2.59 -6.34
N GLN A 29 4.66 -2.32 -5.51
CA GLN A 29 5.08 -0.96 -5.23
C GLN A 29 6.60 -0.87 -5.12
N TYR A 30 7.14 0.30 -5.43
CA TYR A 30 8.58 0.52 -5.37
C TYR A 30 9.00 1.03 -4.00
N LEU A 31 9.39 0.12 -3.11
CA LEU A 31 9.80 0.49 -1.77
C LEU A 31 11.23 0.01 -1.49
N TRP A 32 12.04 0.88 -0.89
CA TRP A 32 13.42 0.55 -0.56
C TRP A 32 14.20 0.24 -1.84
N TYR A 33 13.90 0.95 -2.90
CA TYR A 33 14.58 0.75 -4.18
C TYR A 33 14.36 -0.67 -4.70
N LYS A 34 13.17 -1.21 -4.44
CA LYS A 34 12.82 -2.56 -4.87
C LYS A 34 11.31 -2.71 -5.02
N TRP A 35 10.90 -3.57 -5.94
CA TRP A 35 9.47 -3.81 -6.17
C TRP A 35 8.94 -4.85 -5.20
N ARG A 36 8.15 -4.39 -4.22
CA ARG A 36 7.57 -5.28 -3.23
C ARG A 36 6.04 -5.25 -3.29
N PRO A 37 5.41 -6.35 -2.86
CA PRO A 37 3.95 -6.47 -2.85
C PRO A 37 3.30 -5.56 -1.81
N LEU A 38 1.96 -5.53 -1.81
CA LEU A 38 1.22 -4.71 -0.87
C LEU A 38 0.09 -5.51 -0.22
N ASP A 39 -0.21 -5.17 1.03
CA ASP A 39 -1.27 -5.85 1.77
C ASP A 39 -2.01 -4.89 2.69
N CYS A 40 -3.30 -5.13 2.86
CA CYS A 40 -4.12 -4.27 3.72
C CYS A 40 -3.96 -4.65 5.19
N ARG A 41 -3.32 -3.76 5.94
CA ARG A 41 -3.10 -4.00 7.36
C ARG A 41 -3.88 -3.01 8.22
N CYS A 42 -4.34 -3.46 9.39
CA CYS A 42 -5.10 -2.62 10.29
C CYS A 42 -4.37 -2.44 11.62
N LEU A 43 -3.82 -1.25 11.85
CA LEU A 43 -3.10 -0.96 13.08
C LEU A 43 -3.32 0.49 13.50
N LYS A 44 -3.08 0.77 14.77
CA LYS A 44 -3.24 2.12 15.32
C LYS A 44 -2.14 2.45 16.32
N SER A 45 -1.86 3.73 16.49
CA SER A 45 -0.83 4.18 17.42
C SER A 45 -1.41 5.12 18.47
N GLY A 46 -1.97 4.55 19.53
CA GLY A 46 -2.55 5.35 20.58
C GLY A 46 -3.71 6.19 20.10
N PHE A 47 -4.33 5.76 19.01
CA PHE A 47 -5.47 6.47 18.44
C PHE A 47 -6.79 5.90 18.94
N PHE A 48 -7.84 6.72 18.90
CA PHE A 48 -9.16 6.29 19.36
C PHE A 48 -9.65 5.09 18.56
N SER A 49 -9.16 4.96 17.33
CA SER A 49 -9.55 3.87 16.46
C SER A 49 -8.38 3.41 15.60
N SER A 50 -8.64 2.47 14.69
CA SER A 50 -7.61 1.94 13.81
C SER A 50 -8.09 1.96 12.35
N LYS A 51 -7.22 2.45 11.46
CA LYS A 51 -7.56 2.51 10.04
C LYS A 51 -6.79 1.45 9.26
N CYS A 52 -7.45 0.87 8.26
CA CYS A 52 -6.83 -0.16 7.44
C CYS A 52 -6.36 0.42 6.11
N VAL A 53 -5.09 0.21 5.80
CA VAL A 53 -4.51 0.70 4.55
C VAL A 53 -3.47 -0.27 4.00
N CYS A 54 -2.91 0.08 2.84
CA CYS A 54 -1.90 -0.76 2.21
C CYS A 54 -0.53 -0.55 2.87
N ARG A 55 0.15 -1.65 3.14
CA ARG A 55 1.47 -1.58 3.78
C ARG A 55 2.43 -2.60 3.13
N ASP A 56 3.72 -2.31 3.21
CA ASP A 56 4.73 -3.19 2.64
C ASP A 56 4.83 -4.49 3.43
N VAL A 57 4.91 -5.61 2.72
CA VAL A 57 5.00 -6.92 3.35
C VAL A 57 6.21 -7.70 2.84
N SER A 1 14.56 1.60 -13.54
CA SER A 1 14.91 2.54 -12.48
C SER A 1 13.71 3.37 -12.06
N ALA A 2 12.72 2.72 -11.47
CA ALA A 2 11.52 3.40 -11.02
C ALA A 2 11.85 4.48 -10.00
N LYS A 3 10.91 5.41 -9.80
CA LYS A 3 11.10 6.50 -8.84
C LYS A 3 10.32 6.24 -7.57
N ASP A 4 10.49 7.12 -6.59
CA ASP A 4 9.80 6.99 -5.30
C ASP A 4 8.29 7.18 -5.48
N GLY A 5 7.52 6.16 -5.14
CA GLY A 5 6.07 6.23 -5.27
C GLY A 5 5.56 5.52 -6.49
N ASP A 6 6.38 4.63 -7.05
CA ASP A 6 6.01 3.87 -8.23
C ASP A 6 5.26 2.60 -7.85
N VAL A 7 4.28 2.23 -8.66
CA VAL A 7 3.49 1.03 -8.41
C VAL A 7 3.18 0.28 -9.70
N GLU A 8 2.75 -0.96 -9.58
CA GLU A 8 2.42 -1.78 -10.74
C GLU A 8 0.93 -2.09 -10.79
N GLY A 9 0.37 -2.04 -12.00
CA GLY A 9 -1.06 -2.31 -12.16
C GLY A 9 -1.75 -1.25 -12.98
N PRO A 10 -3.10 -1.24 -12.93
CA PRO A 10 -3.92 -0.28 -13.68
C PRO A 10 -3.79 1.13 -13.11
N ALA A 11 -3.76 2.12 -14.01
CA ALA A 11 -3.65 3.51 -13.60
C ALA A 11 -4.85 3.93 -12.77
N GLY A 12 -4.58 4.42 -11.55
CA GLY A 12 -5.66 4.86 -10.68
C GLY A 12 -5.83 3.94 -9.48
N CYS A 13 -5.03 2.88 -9.42
CA CYS A 13 -5.11 1.93 -8.33
C CYS A 13 -4.73 2.58 -7.00
N LYS A 14 -4.56 1.77 -5.96
CA LYS A 14 -4.19 2.27 -4.65
C LYS A 14 -2.68 2.28 -4.46
N LYS A 15 -2.22 3.00 -3.44
CA LYS A 15 -0.80 3.08 -3.15
C LYS A 15 -0.53 2.88 -1.66
N TYR A 16 0.75 2.85 -1.29
CA TYR A 16 1.13 2.67 0.11
C TYR A 16 0.42 3.66 1.01
N ASP A 17 -0.04 3.17 2.16
CA ASP A 17 -0.75 4.02 3.12
C ASP A 17 -2.00 4.63 2.49
N VAL A 18 -2.88 3.77 1.97
CA VAL A 18 -4.11 4.22 1.34
C VAL A 18 -5.22 3.19 1.49
N GLU A 19 -6.42 3.65 1.82
CA GLU A 19 -7.56 2.77 1.99
C GLU A 19 -7.89 2.03 0.70
N CYS A 20 -8.54 0.89 0.83
CA CYS A 20 -8.91 0.09 -0.34
C CYS A 20 -10.11 -0.81 -0.03
N ASP A 21 -10.65 -1.44 -1.05
CA ASP A 21 -11.80 -2.33 -0.89
C ASP A 21 -11.35 -3.78 -0.80
N SER A 22 -12.05 -4.56 0.04
CA SER A 22 -11.71 -5.97 0.22
C SER A 22 -10.26 -6.13 0.66
N GLY A 23 -9.71 -5.08 1.28
CA GLY A 23 -8.33 -5.13 1.74
C GLY A 23 -7.37 -5.52 0.63
N GLU A 24 -7.74 -5.22 -0.61
CA GLU A 24 -6.91 -5.53 -1.77
C GLU A 24 -6.07 -4.32 -2.18
N CYS A 25 -4.76 -4.52 -2.30
CA CYS A 25 -3.86 -3.45 -2.68
C CYS A 25 -3.37 -3.65 -4.12
N CYS A 26 -2.70 -2.64 -4.66
CA CYS A 26 -2.19 -2.69 -6.02
C CYS A 26 -1.32 -3.92 -6.22
N GLN A 27 -0.90 -4.16 -7.46
CA GLN A 27 -0.07 -5.31 -7.77
C GLN A 27 1.22 -5.29 -6.96
N LYS A 28 2.02 -4.25 -7.15
CA LYS A 28 3.29 -4.10 -6.43
C LYS A 28 3.67 -2.63 -6.29
N GLN A 29 4.66 -2.37 -5.45
CA GLN A 29 5.13 -1.01 -5.23
C GLN A 29 6.65 -0.95 -5.18
N TYR A 30 7.22 0.21 -5.48
CA TYR A 30 8.65 0.40 -5.46
C TYR A 30 9.14 0.88 -4.10
N LEU A 31 9.45 -0.08 -3.22
CA LEU A 31 9.92 0.25 -1.88
C LEU A 31 11.31 -0.35 -1.63
N TRP A 32 12.15 0.41 -0.93
CA TRP A 32 13.50 -0.04 -0.62
C TRP A 32 14.28 -0.35 -1.89
N TYR A 33 14.02 0.44 -2.93
CA TYR A 33 14.70 0.25 -4.21
C TYR A 33 14.39 -1.12 -4.80
N LYS A 34 13.20 -1.62 -4.51
CA LYS A 34 12.77 -2.93 -5.01
C LYS A 34 11.26 -2.98 -5.18
N TRP A 35 10.78 -4.03 -5.85
CA TRP A 35 9.35 -4.19 -6.07
C TRP A 35 8.75 -5.16 -5.07
N ARG A 36 7.99 -4.63 -4.12
CA ARG A 36 7.35 -5.46 -3.10
C ARG A 36 5.83 -5.35 -3.17
N PRO A 37 5.15 -6.40 -2.71
CA PRO A 37 3.68 -6.45 -2.72
C PRO A 37 3.06 -5.47 -1.72
N LEU A 38 1.74 -5.38 -1.73
CA LEU A 38 1.03 -4.48 -0.82
C LEU A 38 -0.15 -5.20 -0.16
N ASP A 39 -0.43 -4.84 1.09
CA ASP A 39 -1.54 -5.45 1.82
C ASP A 39 -2.19 -4.43 2.76
N CYS A 40 -3.52 -4.43 2.78
CA CYS A 40 -4.27 -3.51 3.64
C CYS A 40 -4.24 -3.97 5.09
N ARG A 41 -3.26 -3.50 5.84
CA ARG A 41 -3.13 -3.87 7.25
C ARG A 41 -3.87 -2.87 8.14
N CYS A 42 -4.44 -3.37 9.24
CA CYS A 42 -5.16 -2.52 10.17
C CYS A 42 -4.37 -2.30 11.45
N LEU A 43 -3.88 -1.08 11.63
CA LEU A 43 -3.10 -0.73 12.82
C LEU A 43 -3.38 0.70 13.27
N LYS A 44 -3.18 0.96 14.55
CA LYS A 44 -3.42 2.30 15.10
C LYS A 44 -2.16 2.81 15.81
N SER A 45 -1.85 4.08 15.59
CA SER A 45 -0.68 4.70 16.22
C SER A 45 -1.08 5.91 17.06
N GLY A 46 -1.44 5.65 18.32
CA GLY A 46 -1.84 6.72 19.20
C GLY A 46 -3.34 6.96 19.19
N PHE A 47 -3.92 6.93 17.99
CA PHE A 47 -5.35 7.15 17.84
C PHE A 47 -6.14 5.91 18.26
N PHE A 48 -7.40 6.12 18.67
CA PHE A 48 -8.25 5.02 19.10
C PHE A 48 -8.88 4.32 17.90
N SER A 49 -9.26 5.11 16.89
CA SER A 49 -9.87 4.56 15.69
C SER A 49 -8.83 3.96 14.75
N SER A 50 -8.74 2.64 14.75
CA SER A 50 -7.78 1.93 13.91
C SER A 50 -8.21 1.98 12.45
N LYS A 51 -7.31 2.45 11.59
CA LYS A 51 -7.60 2.54 10.16
C LYS A 51 -6.77 1.52 9.38
N CYS A 52 -7.38 0.94 8.35
CA CYS A 52 -6.71 -0.06 7.52
C CYS A 52 -6.21 0.57 6.22
N VAL A 53 -4.93 0.37 5.93
CA VAL A 53 -4.34 0.91 4.71
C VAL A 53 -3.27 -0.02 4.16
N CYS A 54 -2.92 0.18 2.89
CA CYS A 54 -1.92 -0.65 2.23
C CYS A 54 -0.55 -0.46 2.88
N ARG A 55 0.21 -1.55 2.99
CA ARG A 55 1.53 -1.50 3.59
C ARG A 55 2.47 -2.50 2.92
N ASP A 56 3.77 -2.36 3.18
CA ASP A 56 4.76 -3.26 2.60
C ASP A 56 4.92 -4.52 3.44
N VAL A 57 4.84 -5.67 2.79
CA VAL A 57 4.97 -6.95 3.49
C VAL A 57 6.04 -7.82 2.84
N SER A 1 15.32 2.27 -12.41
CA SER A 1 15.35 3.32 -11.38
C SER A 1 13.99 3.97 -11.24
N ALA A 2 13.08 3.30 -10.54
CA ALA A 2 11.73 3.82 -10.33
C ALA A 2 11.75 5.00 -9.38
N LYS A 3 10.69 5.82 -9.43
CA LYS A 3 10.59 6.99 -8.57
C LYS A 3 9.92 6.63 -7.25
N ASP A 4 9.94 7.57 -6.30
CA ASP A 4 9.32 7.35 -5.00
C ASP A 4 7.80 7.40 -5.10
N GLY A 5 7.14 6.43 -4.46
CA GLY A 5 5.69 6.39 -4.50
C GLY A 5 5.16 5.78 -5.79
N ASP A 6 6.02 5.06 -6.50
CA ASP A 6 5.63 4.44 -7.76
C ASP A 6 5.11 3.02 -7.51
N VAL A 7 3.96 2.72 -8.10
CA VAL A 7 3.35 1.41 -7.95
C VAL A 7 3.15 0.73 -9.31
N GLU A 8 2.72 -0.53 -9.28
CA GLU A 8 2.49 -1.28 -10.50
C GLU A 8 1.04 -1.72 -10.61
N GLY A 9 0.50 -1.70 -11.83
CA GLY A 9 -0.88 -2.09 -12.04
C GLY A 9 -1.67 -1.07 -12.83
N PRO A 10 -3.00 -1.21 -12.82
CA PRO A 10 -3.90 -0.29 -13.54
C PRO A 10 -3.94 1.09 -12.91
N ALA A 11 -3.98 2.12 -13.75
CA ALA A 11 -4.03 3.50 -13.27
C ALA A 11 -5.28 3.75 -12.43
N GLY A 12 -5.08 4.19 -11.20
CA GLY A 12 -6.20 4.47 -10.32
C GLY A 12 -6.27 3.51 -9.15
N CYS A 13 -5.39 2.50 -9.16
CA CYS A 13 -5.36 1.52 -8.09
C CYS A 13 -4.97 2.16 -6.76
N LYS A 14 -4.70 1.33 -5.76
CA LYS A 14 -4.32 1.82 -4.44
C LYS A 14 -2.80 1.90 -4.31
N LYS A 15 -2.33 2.62 -3.29
CA LYS A 15 -0.90 2.77 -3.05
C LYS A 15 -0.58 2.63 -1.57
N TYR A 16 0.70 2.67 -1.24
CA TYR A 16 1.15 2.54 0.14
C TYR A 16 0.43 3.54 1.04
N ASP A 17 -0.03 3.08 2.20
CA ASP A 17 -0.72 3.94 3.15
C ASP A 17 -1.97 4.54 2.52
N VAL A 18 -2.83 3.68 1.99
CA VAL A 18 -4.06 4.12 1.36
C VAL A 18 -5.16 3.06 1.49
N GLU A 19 -6.40 3.51 1.66
CA GLU A 19 -7.53 2.60 1.80
C GLU A 19 -7.71 1.75 0.54
N CYS A 20 -8.35 0.60 0.71
CA CYS A 20 -8.59 -0.31 -0.41
C CYS A 20 -9.92 -1.02 -0.24
N ASP A 21 -10.44 -1.55 -1.36
CA ASP A 21 -11.71 -2.26 -1.35
C ASP A 21 -11.48 -3.77 -1.46
N SER A 22 -12.33 -4.53 -0.77
CA SER A 22 -12.22 -5.99 -0.79
C SER A 22 -10.85 -6.44 -0.31
N GLY A 23 -10.20 -5.60 0.50
CA GLY A 23 -8.90 -5.93 1.02
C GLY A 23 -7.90 -6.25 -0.08
N GLU A 24 -8.16 -5.75 -1.27
CA GLU A 24 -7.27 -5.98 -2.41
C GLU A 24 -6.32 -4.81 -2.62
N CYS A 25 -5.02 -5.11 -2.69
CA CYS A 25 -4.01 -4.09 -2.87
C CYS A 25 -3.46 -4.12 -4.31
N CYS A 26 -2.79 -3.04 -4.70
CA CYS A 26 -2.22 -2.94 -6.03
C CYS A 26 -1.28 -4.12 -6.31
N GLN A 27 -0.83 -4.21 -7.55
CA GLN A 27 0.07 -5.30 -7.95
C GLN A 27 1.34 -5.29 -7.10
N LYS A 28 2.13 -4.22 -7.24
CA LYS A 28 3.37 -4.09 -6.48
C LYS A 28 3.72 -2.62 -6.25
N GLN A 29 4.71 -2.37 -5.40
CA GLN A 29 5.13 -1.01 -5.10
C GLN A 29 6.64 -0.94 -4.91
N TYR A 30 7.21 0.22 -5.23
CA TYR A 30 8.65 0.41 -5.09
C TYR A 30 9.02 0.88 -3.69
N LEU A 31 9.41 -0.06 -2.84
CA LEU A 31 9.79 0.26 -1.46
C LEU A 31 11.19 -0.25 -1.15
N TRP A 32 11.97 0.57 -0.47
CA TRP A 32 13.34 0.20 -0.10
C TRP A 32 14.16 -0.11 -1.34
N TYR A 33 13.95 0.67 -2.40
CA TYR A 33 14.69 0.48 -3.65
C TYR A 33 14.45 -0.93 -4.20
N LYS A 34 13.23 -1.43 -4.01
CA LYS A 34 12.88 -2.76 -4.50
C LYS A 34 11.36 -2.89 -4.66
N TRP A 35 10.95 -3.67 -5.65
CA TRP A 35 9.53 -3.88 -5.92
C TRP A 35 8.95 -4.93 -4.97
N ARG A 36 8.16 -4.49 -4.01
CA ARG A 36 7.55 -5.39 -3.04
C ARG A 36 6.02 -5.33 -3.14
N PRO A 37 5.36 -6.43 -2.74
CA PRO A 37 3.90 -6.53 -2.77
C PRO A 37 3.24 -5.63 -1.73
N LEU A 38 1.91 -5.59 -1.76
CA LEU A 38 1.16 -4.77 -0.81
C LEU A 38 0.00 -5.57 -0.21
N ASP A 39 -0.32 -5.27 1.04
CA ASP A 39 -1.41 -5.95 1.74
C ASP A 39 -2.13 -5.00 2.70
N CYS A 40 -3.44 -5.16 2.80
CA CYS A 40 -4.24 -4.31 3.67
C CYS A 40 -4.08 -4.73 5.13
N ARG A 41 -3.41 -3.90 5.91
CA ARG A 41 -3.19 -4.18 7.32
C ARG A 41 -3.90 -3.16 8.20
N CYS A 42 -4.47 -3.62 9.31
CA CYS A 42 -5.17 -2.75 10.23
C CYS A 42 -4.32 -2.44 11.46
N LEU A 43 -3.65 -1.30 11.45
CA LEU A 43 -2.80 -0.90 12.56
C LEU A 43 -2.84 0.61 12.76
N LYS A 44 -2.45 1.05 13.96
CA LYS A 44 -2.44 2.48 14.28
C LYS A 44 -1.25 2.83 15.16
N SER A 45 -1.12 4.11 15.47
CA SER A 45 -0.01 4.58 16.31
C SER A 45 -0.54 5.28 17.56
N GLY A 46 -0.85 4.50 18.60
CA GLY A 46 -1.35 5.07 19.83
C GLY A 46 -2.56 5.95 19.61
N PHE A 47 -3.29 5.69 18.52
CA PHE A 47 -4.49 6.47 18.20
C PHE A 47 -5.73 5.81 18.76
N PHE A 48 -6.87 6.49 18.63
CA PHE A 48 -8.14 5.97 19.12
C PHE A 48 -8.85 5.16 18.04
N SER A 49 -8.94 5.73 16.84
CA SER A 49 -9.59 5.06 15.73
C SER A 49 -8.58 4.61 14.68
N SER A 50 -8.50 3.31 14.46
CA SER A 50 -7.56 2.74 13.49
C SER A 50 -8.23 2.60 12.13
N LYS A 51 -7.41 2.39 11.10
CA LYS A 51 -7.91 2.21 9.74
C LYS A 51 -7.08 1.19 8.98
N CYS A 52 -7.72 0.51 8.03
CA CYS A 52 -7.05 -0.50 7.23
C CYS A 52 -6.57 0.07 5.90
N VAL A 53 -5.27 -0.07 5.63
CA VAL A 53 -4.68 0.44 4.40
C VAL A 53 -3.58 -0.49 3.90
N CYS A 54 -3.14 -0.25 2.67
CA CYS A 54 -2.09 -1.06 2.06
C CYS A 54 -0.74 -0.79 2.73
N ARG A 55 0.02 -1.86 2.98
CA ARG A 55 1.32 -1.72 3.61
C ARG A 55 2.32 -2.68 2.97
N ASP A 56 3.59 -2.53 3.35
CA ASP A 56 4.65 -3.38 2.82
C ASP A 56 4.79 -4.66 3.63
N VAL A 57 4.69 -5.80 2.96
CA VAL A 57 4.80 -7.10 3.62
C VAL A 57 6.09 -7.80 3.25
N SER A 1 14.29 1.11 -12.79
CA SER A 1 14.58 2.30 -11.99
C SER A 1 13.33 3.15 -11.81
N ALA A 2 12.60 2.90 -10.74
CA ALA A 2 11.37 3.65 -10.46
C ALA A 2 11.66 4.81 -9.49
N LYS A 3 10.68 5.68 -9.33
CA LYS A 3 10.82 6.83 -8.43
C LYS A 3 9.96 6.64 -7.17
N ASP A 4 9.93 7.67 -6.34
CA ASP A 4 9.15 7.63 -5.11
C ASP A 4 7.65 7.68 -5.40
N GLY A 5 6.92 6.71 -4.90
CA GLY A 5 5.48 6.66 -5.12
C GLY A 5 5.11 5.91 -6.38
N ASP A 6 6.04 5.10 -6.87
CA ASP A 6 5.81 4.31 -8.08
C ASP A 6 5.27 2.93 -7.74
N VAL A 7 4.14 2.57 -8.34
CA VAL A 7 3.52 1.27 -8.10
C VAL A 7 3.35 0.50 -9.39
N GLU A 8 2.91 -0.76 -9.28
CA GLU A 8 2.70 -1.61 -10.44
C GLU A 8 1.22 -1.90 -10.64
N GLY A 9 0.75 -1.72 -11.88
CA GLY A 9 -0.65 -1.97 -12.17
C GLY A 9 -1.29 -0.83 -12.95
N PRO A 10 -2.62 -0.83 -12.99
CA PRO A 10 -3.39 0.20 -13.71
C PRO A 10 -3.32 1.55 -13.02
N ALA A 11 -3.15 2.61 -13.80
CA ALA A 11 -3.06 3.97 -13.28
C ALA A 11 -4.32 4.34 -12.51
N GLY A 12 -4.16 4.70 -11.24
CA GLY A 12 -5.30 5.08 -10.42
C GLY A 12 -5.66 4.01 -9.41
N CYS A 13 -4.74 3.08 -9.18
CA CYS A 13 -4.97 2.00 -8.23
C CYS A 13 -4.77 2.48 -6.79
N LYS A 14 -4.75 1.54 -5.86
CA LYS A 14 -4.57 1.87 -4.45
C LYS A 14 -3.10 1.78 -4.05
N LYS A 15 -2.50 2.93 -3.74
CA LYS A 15 -1.10 2.98 -3.34
C LYS A 15 -0.96 2.83 -1.83
N TYR A 16 0.28 2.79 -1.35
CA TYR A 16 0.55 2.65 0.07
C TYR A 16 -0.12 3.76 0.87
N ASP A 17 -0.52 3.45 2.10
CA ASP A 17 -1.18 4.43 2.96
C ASP A 17 -2.51 4.88 2.37
N VAL A 18 -3.25 3.92 1.81
CA VAL A 18 -4.55 4.21 1.21
C VAL A 18 -5.49 3.03 1.34
N GLU A 19 -6.74 3.31 1.73
CA GLU A 19 -7.74 2.26 1.89
C GLU A 19 -8.05 1.59 0.56
N CYS A 20 -8.59 0.37 0.63
CA CYS A 20 -8.93 -0.37 -0.57
C CYS A 20 -10.16 -1.26 -0.34
N ASP A 21 -10.62 -1.91 -1.39
CA ASP A 21 -11.80 -2.78 -1.30
C ASP A 21 -11.36 -4.24 -1.21
N SER A 22 -12.11 -5.03 -0.43
CA SER A 22 -11.81 -6.43 -0.26
C SER A 22 -10.37 -6.63 0.24
N GLY A 23 -9.84 -5.61 0.90
CA GLY A 23 -8.49 -5.69 1.42
C GLY A 23 -7.47 -6.00 0.34
N GLU A 24 -7.82 -5.71 -0.91
CA GLU A 24 -6.93 -5.96 -2.02
C GLU A 24 -6.16 -4.70 -2.41
N CYS A 25 -4.84 -4.82 -2.49
CA CYS A 25 -3.98 -3.69 -2.84
C CYS A 25 -3.44 -3.86 -4.25
N CYS A 26 -2.80 -2.80 -4.76
CA CYS A 26 -2.22 -2.82 -6.09
C CYS A 26 -1.30 -4.02 -6.27
N GLN A 27 -0.85 -4.23 -7.50
CA GLN A 27 0.05 -5.34 -7.81
C GLN A 27 1.29 -5.29 -6.93
N LYS A 28 2.07 -4.23 -7.07
CA LYS A 28 3.29 -4.05 -6.30
C LYS A 28 3.61 -2.58 -6.09
N GLN A 29 4.59 -2.31 -5.23
CA GLN A 29 4.98 -0.93 -4.95
C GLN A 29 6.50 -0.82 -4.82
N TYR A 30 7.02 0.38 -5.07
CA TYR A 30 8.46 0.61 -4.99
C TYR A 30 8.85 1.09 -3.59
N LEU A 31 9.19 0.15 -2.73
CA LEU A 31 9.59 0.47 -1.36
C LEU A 31 11.00 -0.02 -1.08
N TRP A 32 11.80 0.82 -0.41
CA TRP A 32 13.17 0.47 -0.08
C TRP A 32 13.99 0.21 -1.33
N TYR A 33 13.71 0.97 -2.38
CA TYR A 33 14.42 0.82 -3.65
C TYR A 33 14.20 -0.57 -4.23
N LYS A 34 13.05 -1.16 -3.95
CA LYS A 34 12.72 -2.49 -4.44
C LYS A 34 11.21 -2.62 -4.68
N TRP A 35 10.83 -3.66 -5.43
CA TRP A 35 9.42 -3.89 -5.72
C TRP A 35 8.82 -4.92 -4.77
N ARG A 36 7.99 -4.44 -3.85
CA ARG A 36 7.36 -5.32 -2.87
C ARG A 36 5.84 -5.28 -3.02
N PRO A 37 5.18 -6.38 -2.61
CA PRO A 37 3.72 -6.50 -2.68
C PRO A 37 3.01 -5.59 -1.69
N LEU A 38 1.69 -5.56 -1.76
CA LEU A 38 0.89 -4.72 -0.87
C LEU A 38 -0.28 -5.51 -0.28
N ASP A 39 -0.71 -5.11 0.91
CA ASP A 39 -1.82 -5.77 1.58
C ASP A 39 -2.44 -4.85 2.63
N CYS A 40 -3.76 -4.68 2.56
CA CYS A 40 -4.48 -3.83 3.50
C CYS A 40 -4.40 -4.40 4.91
N ARG A 41 -3.71 -3.70 5.79
CA ARG A 41 -3.56 -4.14 7.18
C ARG A 41 -4.21 -3.14 8.14
N CYS A 42 -4.81 -3.66 9.20
CA CYS A 42 -5.47 -2.82 10.19
C CYS A 42 -4.62 -2.71 11.45
N LEU A 43 -3.89 -1.60 11.58
CA LEU A 43 -3.04 -1.37 12.74
C LEU A 43 -3.03 0.11 13.12
N LYS A 44 -3.06 0.36 14.42
CA LYS A 44 -3.06 1.74 14.93
C LYS A 44 -1.70 2.10 15.52
N SER A 45 -1.22 3.29 15.20
CA SER A 45 0.07 3.75 15.70
C SER A 45 -0.09 5.01 16.55
N GLY A 46 -0.39 4.83 17.83
CA GLY A 46 -0.57 5.96 18.72
C GLY A 46 -2.02 6.42 18.79
N PHE A 47 -2.68 6.47 17.64
CA PHE A 47 -4.07 6.89 17.57
C PHE A 47 -4.99 5.84 18.18
N PHE A 48 -6.23 6.24 18.46
CA PHE A 48 -7.21 5.34 19.04
C PHE A 48 -8.05 4.67 17.95
N SER A 49 -8.29 5.41 16.87
CA SER A 49 -9.09 4.89 15.77
C SER A 49 -8.22 4.11 14.78
N SER A 50 -8.24 2.78 14.91
CA SER A 50 -7.45 1.93 14.04
C SER A 50 -7.96 2.00 12.60
N LYS A 51 -7.08 2.40 11.69
CA LYS A 51 -7.44 2.51 10.28
C LYS A 51 -6.72 1.44 9.46
N CYS A 52 -7.42 0.89 8.48
CA CYS A 52 -6.86 -0.14 7.60
C CYS A 52 -6.38 0.46 6.29
N VAL A 53 -5.11 0.23 5.97
CA VAL A 53 -4.53 0.75 4.73
C VAL A 53 -3.52 -0.23 4.15
N CYS A 54 -3.12 0.01 2.90
CA CYS A 54 -2.15 -0.85 2.24
C CYS A 54 -0.81 -0.82 2.95
N ARG A 55 -0.30 -2.01 3.28
CA ARG A 55 0.98 -2.12 3.97
C ARG A 55 1.89 -3.13 3.27
N ASP A 56 3.20 -2.90 3.36
CA ASP A 56 4.18 -3.78 2.74
C ASP A 56 4.31 -5.08 3.53
N VAL A 57 4.14 -6.21 2.83
CA VAL A 57 4.24 -7.52 3.46
C VAL A 57 5.49 -8.25 3.00
N SER A 1 15.36 4.47 -13.62
CA SER A 1 14.98 3.89 -12.34
C SER A 1 13.68 4.49 -11.84
N ALA A 2 12.83 3.65 -11.24
CA ALA A 2 11.54 4.09 -10.72
C ALA A 2 11.73 5.15 -9.64
N LYS A 3 10.68 5.92 -9.39
CA LYS A 3 10.73 6.97 -8.37
C LYS A 3 9.99 6.54 -7.10
N ASP A 4 10.22 7.26 -6.01
CA ASP A 4 9.58 6.95 -4.74
C ASP A 4 8.06 7.13 -4.84
N GLY A 5 7.33 6.04 -4.63
CA GLY A 5 5.88 6.11 -4.70
C GLY A 5 5.33 5.50 -5.98
N ASP A 6 6.15 4.69 -6.64
CA ASP A 6 5.75 4.05 -7.89
C ASP A 6 5.04 2.72 -7.61
N VAL A 7 4.00 2.45 -8.36
CA VAL A 7 3.23 1.21 -8.21
C VAL A 7 2.93 0.57 -9.56
N GLU A 8 2.44 -0.67 -9.52
CA GLU A 8 2.12 -1.39 -10.74
C GLU A 8 0.62 -1.72 -10.79
N GLY A 9 0.05 -1.68 -11.99
CA GLY A 9 -1.36 -1.98 -12.14
C GLY A 9 -2.11 -0.88 -12.88
N PRO A 10 -3.45 -0.93 -12.80
CA PRO A 10 -4.31 0.06 -13.47
C PRO A 10 -4.21 1.44 -12.81
N ALA A 11 -4.22 2.48 -13.64
CA ALA A 11 -4.14 3.85 -13.15
C ALA A 11 -5.33 4.18 -12.25
N GLY A 12 -5.04 4.59 -11.02
CA GLY A 12 -6.10 4.92 -10.08
C GLY A 12 -6.19 3.94 -8.94
N CYS A 13 -5.37 2.90 -8.98
CA CYS A 13 -5.37 1.88 -7.94
C CYS A 13 -4.95 2.48 -6.60
N LYS A 14 -4.70 1.60 -5.62
CA LYS A 14 -4.30 2.04 -4.29
C LYS A 14 -2.77 2.05 -4.17
N LYS A 15 -2.28 2.74 -3.15
CA LYS A 15 -0.84 2.83 -2.91
C LYS A 15 -0.52 2.61 -1.44
N TYR A 16 0.77 2.59 -1.11
CA TYR A 16 1.21 2.39 0.26
C TYR A 16 0.55 3.40 1.20
N ASP A 17 0.12 2.91 2.36
CA ASP A 17 -0.54 3.76 3.35
C ASP A 17 -1.79 4.39 2.78
N VAL A 18 -2.68 3.56 2.23
CA VAL A 18 -3.92 4.05 1.63
C VAL A 18 -5.03 3.01 1.76
N GLU A 19 -6.26 3.47 1.96
CA GLU A 19 -7.40 2.58 2.09
C GLU A 19 -7.61 1.76 0.81
N CYS A 20 -8.26 0.62 0.95
CA CYS A 20 -8.52 -0.25 -0.18
C CYS A 20 -9.87 -0.97 -0.03
N ASP A 21 -10.44 -1.39 -1.16
CA ASP A 21 -11.72 -2.09 -1.14
C ASP A 21 -11.52 -3.59 -1.30
N SER A 22 -12.38 -4.36 -0.63
CA SER A 22 -12.30 -5.81 -0.68
C SER A 22 -10.93 -6.30 -0.22
N GLY A 23 -10.25 -5.48 0.57
CA GLY A 23 -8.93 -5.84 1.07
C GLY A 23 -7.95 -6.15 -0.05
N GLU A 24 -8.23 -5.62 -1.23
CA GLU A 24 -7.36 -5.85 -2.38
C GLU A 24 -6.40 -4.68 -2.58
N CYS A 25 -5.11 -4.99 -2.68
CA CYS A 25 -4.09 -3.97 -2.87
C CYS A 25 -3.55 -3.98 -4.30
N CYS A 26 -2.91 -2.89 -4.70
CA CYS A 26 -2.36 -2.78 -6.03
C CYS A 26 -1.46 -3.98 -6.36
N GLN A 27 -1.08 -4.10 -7.62
CA GLN A 27 -0.22 -5.20 -8.05
C GLN A 27 1.07 -5.23 -7.25
N LYS A 28 1.86 -4.17 -7.37
CA LYS A 28 3.12 -4.07 -6.65
C LYS A 28 3.51 -2.62 -6.42
N GLN A 29 4.51 -2.40 -5.57
CA GLN A 29 4.97 -1.05 -5.27
C GLN A 29 6.49 -1.03 -5.06
N TYR A 30 7.13 -0.01 -5.63
CA TYR A 30 8.58 0.12 -5.52
C TYR A 30 8.97 0.60 -4.12
N LEU A 31 9.46 -0.32 -3.30
CA LEU A 31 9.88 0.01 -1.94
C LEU A 31 11.28 -0.54 -1.66
N TRP A 32 12.11 0.29 -1.04
CA TRP A 32 13.47 -0.11 -0.70
C TRP A 32 14.24 -0.50 -1.95
N TYR A 33 14.07 0.26 -3.02
CA TYR A 33 14.75 -0.01 -4.28
C TYR A 33 14.41 -1.41 -4.79
N LYS A 34 13.18 -1.84 -4.54
CA LYS A 34 12.73 -3.16 -4.97
C LYS A 34 11.21 -3.22 -5.02
N TRP A 35 10.67 -3.82 -6.09
CA TRP A 35 9.23 -3.95 -6.27
C TRP A 35 8.66 -5.01 -5.32
N ARG A 36 7.96 -4.56 -4.30
CA ARG A 36 7.36 -5.47 -3.32
C ARG A 36 5.84 -5.38 -3.36
N PRO A 37 5.18 -6.47 -2.97
CA PRO A 37 3.71 -6.55 -2.95
C PRO A 37 3.10 -5.66 -1.87
N LEU A 38 1.77 -5.59 -1.85
CA LEU A 38 1.06 -4.78 -0.87
C LEU A 38 -0.10 -5.55 -0.26
N ASP A 39 -0.40 -5.26 1.01
CA ASP A 39 -1.49 -5.93 1.71
C ASP A 39 -2.10 -5.00 2.75
N CYS A 40 -3.44 -4.99 2.80
CA CYS A 40 -4.15 -4.14 3.75
C CYS A 40 -3.94 -4.63 5.18
N ARG A 41 -3.18 -3.85 5.95
CA ARG A 41 -2.90 -4.21 7.34
C ARG A 41 -3.62 -3.26 8.30
N CYS A 42 -4.12 -3.82 9.40
CA CYS A 42 -4.83 -3.02 10.40
C CYS A 42 -4.02 -2.92 11.68
N LEU A 43 -3.46 -1.73 11.93
CA LEU A 43 -2.66 -1.49 13.12
C LEU A 43 -2.85 -0.07 13.63
N LYS A 44 -2.69 0.12 14.93
CA LYS A 44 -2.84 1.43 15.55
C LYS A 44 -1.48 2.00 15.94
N SER A 45 -1.19 3.22 15.47
CA SER A 45 0.07 3.86 15.77
C SER A 45 -0.16 5.21 16.45
N GLY A 46 -0.33 5.18 17.76
CA GLY A 46 -0.57 6.41 18.51
C GLY A 46 -1.81 7.14 18.05
N PHE A 47 -2.69 6.44 17.34
CA PHE A 47 -3.92 7.03 16.84
C PHE A 47 -5.08 6.76 17.79
N PHE A 48 -6.17 7.50 17.61
CA PHE A 48 -7.35 7.35 18.44
C PHE A 48 -8.14 6.11 18.04
N SER A 49 -8.02 5.72 16.77
CA SER A 49 -8.73 4.56 16.26
C SER A 49 -7.82 3.69 15.40
N SER A 50 -8.39 2.69 14.76
CA SER A 50 -7.63 1.77 13.92
C SER A 50 -8.13 1.82 12.48
N LYS A 51 -7.21 1.99 11.54
CA LYS A 51 -7.55 2.05 10.12
C LYS A 51 -6.69 1.10 9.31
N CYS A 52 -7.33 0.32 8.44
CA CYS A 52 -6.62 -0.64 7.61
C CYS A 52 -6.15 0.02 6.31
N VAL A 53 -4.87 -0.14 5.99
CA VAL A 53 -4.30 0.43 4.78
C VAL A 53 -3.24 -0.49 4.18
N CYS A 54 -2.91 -0.26 2.92
CA CYS A 54 -1.90 -1.07 2.23
C CYS A 54 -0.54 -0.90 2.88
N ARG A 55 0.13 -2.02 3.12
CA ARG A 55 1.46 -2.00 3.75
C ARG A 55 2.38 -3.03 3.09
N ASP A 56 3.68 -2.84 3.28
CA ASP A 56 4.67 -3.74 2.71
C ASP A 56 4.65 -5.09 3.44
N VAL A 57 4.61 -6.17 2.67
CA VAL A 57 4.58 -7.51 3.23
C VAL A 57 5.73 -8.36 2.69
N SER A 1 13.63 3.42 -15.01
CA SER A 1 14.03 3.83 -13.67
C SER A 1 12.82 4.17 -12.82
N ALA A 2 12.60 3.39 -11.76
CA ALA A 2 11.47 3.62 -10.87
C ALA A 2 11.81 4.63 -9.79
N LYS A 3 10.82 4.99 -8.99
CA LYS A 3 11.01 5.96 -7.91
C LYS A 3 9.98 5.76 -6.81
N ASP A 4 10.11 6.53 -5.73
CA ASP A 4 9.19 6.44 -4.61
C ASP A 4 7.76 6.77 -5.05
N GLY A 5 6.88 5.78 -4.93
CA GLY A 5 5.49 5.98 -5.32
C GLY A 5 5.10 5.12 -6.51
N ASP A 6 6.10 4.67 -7.27
CA ASP A 6 5.86 3.84 -8.44
C ASP A 6 5.19 2.52 -8.05
N VAL A 7 4.03 2.25 -8.65
CA VAL A 7 3.29 1.03 -8.36
C VAL A 7 2.99 0.24 -9.63
N GLU A 8 2.48 -0.97 -9.47
CA GLU A 8 2.16 -1.81 -10.61
C GLU A 8 0.67 -2.14 -10.64
N GLY A 9 0.10 -2.19 -11.85
CA GLY A 9 -1.31 -2.48 -11.99
C GLY A 9 -2.05 -1.44 -12.82
N PRO A 10 -3.38 -1.44 -12.73
CA PRO A 10 -4.22 -0.49 -13.47
C PRO A 10 -4.09 0.93 -12.95
N ALA A 11 -4.09 1.89 -13.86
CA ALA A 11 -3.98 3.30 -13.51
C ALA A 11 -5.12 3.74 -12.61
N GLY A 12 -4.78 4.24 -11.43
CA GLY A 12 -5.80 4.69 -10.48
C GLY A 12 -5.94 3.76 -9.30
N CYS A 13 -5.02 2.80 -9.20
CA CYS A 13 -5.05 1.84 -8.10
C CYS A 13 -4.64 2.51 -6.79
N LYS A 14 -4.43 1.70 -5.75
CA LYS A 14 -4.04 2.21 -4.45
C LYS A 14 -2.51 2.22 -4.29
N LYS A 15 -2.03 2.98 -3.33
CA LYS A 15 -0.59 3.07 -3.08
C LYS A 15 -0.28 2.85 -1.60
N TYR A 16 1.00 2.85 -1.26
CA TYR A 16 1.43 2.65 0.11
C TYR A 16 0.77 3.67 1.04
N ASP A 17 0.34 3.20 2.21
CA ASP A 17 -0.31 4.07 3.18
C ASP A 17 -1.56 4.72 2.59
N VAL A 18 -2.46 3.89 2.07
CA VAL A 18 -3.69 4.37 1.47
C VAL A 18 -4.81 3.35 1.60
N GLU A 19 -6.03 3.83 1.83
CA GLU A 19 -7.18 2.95 1.97
C GLU A 19 -7.42 2.14 0.70
N CYS A 20 -8.10 1.01 0.84
CA CYS A 20 -8.40 0.15 -0.30
C CYS A 20 -9.80 -0.44 -0.18
N ASP A 21 -10.35 -0.86 -1.31
CA ASP A 21 -11.69 -1.45 -1.34
C ASP A 21 -11.62 -2.97 -1.48
N SER A 22 -12.53 -3.66 -0.83
CA SER A 22 -12.56 -5.12 -0.87
C SER A 22 -11.26 -5.71 -0.33
N GLY A 23 -10.53 -4.91 0.43
CA GLY A 23 -9.28 -5.38 1.00
C GLY A 23 -8.27 -5.74 -0.06
N GLU A 24 -8.47 -5.23 -1.27
CA GLU A 24 -7.56 -5.50 -2.38
C GLU A 24 -6.54 -4.38 -2.55
N CYS A 25 -5.27 -4.74 -2.58
CA CYS A 25 -4.20 -3.76 -2.74
C CYS A 25 -3.59 -3.83 -4.13
N CYS A 26 -2.88 -2.78 -4.52
CA CYS A 26 -2.24 -2.73 -5.84
C CYS A 26 -1.35 -3.95 -6.06
N GLN A 27 -0.93 -4.14 -7.30
CA GLN A 27 -0.07 -5.27 -7.65
C GLN A 27 1.23 -5.23 -6.84
N LYS A 28 2.04 -4.20 -7.08
CA LYS A 28 3.31 -4.06 -6.38
C LYS A 28 3.69 -2.59 -6.27
N GLN A 29 4.72 -2.31 -5.48
CA GLN A 29 5.19 -0.94 -5.29
C GLN A 29 6.71 -0.90 -5.16
N TYR A 30 7.30 0.23 -5.51
CA TYR A 30 8.75 0.41 -5.44
C TYR A 30 9.17 0.86 -4.04
N LEU A 31 9.60 -0.08 -3.22
CA LEU A 31 10.04 0.22 -1.87
C LEU A 31 11.45 -0.32 -1.61
N TRP A 32 12.30 0.50 -1.02
CA TRP A 32 13.66 0.10 -0.72
C TRP A 32 14.41 -0.29 -2.00
N TYR A 33 14.19 0.46 -3.07
CA TYR A 33 14.84 0.20 -4.34
C TYR A 33 14.52 -1.21 -4.83
N LYS A 34 13.30 -1.66 -4.55
CA LYS A 34 12.87 -2.99 -4.95
C LYS A 34 11.35 -3.07 -5.07
N TRP A 35 10.86 -3.89 -5.99
CA TRP A 35 9.43 -4.05 -6.18
C TRP A 35 8.85 -5.08 -5.21
N ARG A 36 8.10 -4.59 -4.23
CA ARG A 36 7.49 -5.46 -3.24
C ARG A 36 5.97 -5.38 -3.30
N PRO A 37 5.30 -6.45 -2.87
CA PRO A 37 3.84 -6.52 -2.86
C PRO A 37 3.21 -5.60 -1.82
N LEU A 38 1.88 -5.53 -1.82
CA LEU A 38 1.17 -4.68 -0.88
C LEU A 38 -0.03 -5.42 -0.28
N ASP A 39 -0.33 -5.13 0.98
CA ASP A 39 -1.45 -5.76 1.67
C ASP A 39 -2.14 -4.78 2.61
N CYS A 40 -3.46 -4.88 2.72
CA CYS A 40 -4.23 -4.01 3.58
C CYS A 40 -3.93 -4.29 5.05
N ARG A 41 -3.01 -3.53 5.61
CA ARG A 41 -2.63 -3.70 7.01
C ARG A 41 -3.48 -2.82 7.92
N CYS A 42 -3.92 -3.38 9.05
CA CYS A 42 -4.75 -2.65 9.99
C CYS A 42 -3.99 -2.41 11.30
N LEU A 43 -3.40 -1.23 11.43
CA LEU A 43 -2.65 -0.87 12.62
C LEU A 43 -3.12 0.45 13.19
N LYS A 44 -2.83 0.69 14.47
CA LYS A 44 -3.22 1.93 15.13
C LYS A 44 -2.18 2.35 16.15
N SER A 45 -2.10 3.65 16.42
CA SER A 45 -1.15 4.18 17.38
C SER A 45 -1.86 4.94 18.50
N GLY A 46 -2.30 4.21 19.52
CA GLY A 46 -3.00 4.83 20.63
C GLY A 46 -4.20 5.64 20.18
N PHE A 47 -4.77 5.26 19.04
CA PHE A 47 -5.94 5.97 18.51
C PHE A 47 -7.23 5.30 18.95
N PHE A 48 -8.35 5.88 18.55
CA PHE A 48 -9.67 5.34 18.91
C PHE A 48 -10.17 4.37 17.83
N SER A 49 -10.06 4.79 16.57
CA SER A 49 -10.51 3.96 15.46
C SER A 49 -9.34 3.60 14.55
N SER A 50 -9.06 2.31 14.44
CA SER A 50 -7.97 1.83 13.59
C SER A 50 -8.39 1.77 12.13
N LYS A 51 -7.50 2.23 11.25
CA LYS A 51 -7.78 2.23 9.82
C LYS A 51 -6.87 1.24 9.09
N CYS A 52 -7.37 0.71 7.98
CA CYS A 52 -6.60 -0.26 7.19
C CYS A 52 -6.03 0.41 5.94
N VAL A 53 -4.73 0.24 5.73
CA VAL A 53 -4.06 0.81 4.58
C VAL A 53 -3.01 -0.14 4.01
N CYS A 54 -2.72 0.00 2.72
CA CYS A 54 -1.74 -0.86 2.05
C CYS A 54 -0.35 -0.62 2.64
N ARG A 55 0.24 -1.68 3.19
CA ARG A 55 1.57 -1.59 3.78
C ARG A 55 2.51 -2.64 3.17
N ASP A 56 3.80 -2.35 3.19
CA ASP A 56 4.80 -3.27 2.64
C ASP A 56 4.96 -4.50 3.54
N VAL A 57 4.80 -5.68 2.95
CA VAL A 57 4.93 -6.93 3.69
C VAL A 57 6.29 -7.57 3.46
N SER A 1 15.19 3.76 -13.92
CA SER A 1 14.94 3.32 -12.57
C SER A 1 13.54 3.72 -12.10
N ALA A 2 13.13 3.22 -10.95
CA ALA A 2 11.82 3.54 -10.40
C ALA A 2 11.92 4.57 -9.28
N LYS A 3 11.00 5.53 -9.28
CA LYS A 3 10.99 6.58 -8.28
C LYS A 3 10.24 6.12 -7.02
N ASP A 4 10.56 6.74 -5.89
CA ASP A 4 9.91 6.40 -4.63
C ASP A 4 8.42 6.73 -4.67
N GLY A 5 7.59 5.76 -4.28
CA GLY A 5 6.16 5.97 -4.29
C GLY A 5 5.51 5.52 -5.58
N ASP A 6 6.22 4.69 -6.33
CA ASP A 6 5.70 4.17 -7.60
C ASP A 6 4.99 2.84 -7.40
N VAL A 7 3.88 2.66 -8.11
CA VAL A 7 3.10 1.43 -8.01
C VAL A 7 2.84 0.83 -9.39
N GLU A 8 2.32 -0.39 -9.41
CA GLU A 8 2.03 -1.07 -10.66
C GLU A 8 0.57 -1.51 -10.72
N GLY A 9 0.01 -1.50 -11.92
CA GLY A 9 -1.38 -1.89 -12.10
C GLY A 9 -2.19 -0.86 -12.84
N PRO A 10 -3.53 -0.96 -12.76
CA PRO A 10 -4.44 -0.03 -13.43
C PRO A 10 -4.43 1.35 -12.79
N ALA A 11 -4.49 2.38 -13.63
CA ALA A 11 -4.48 3.76 -13.15
C ALA A 11 -5.69 4.03 -12.26
N GLY A 12 -5.43 4.46 -11.03
CA GLY A 12 -6.50 4.75 -10.10
C GLY A 12 -6.54 3.79 -8.93
N CYS A 13 -5.67 2.78 -8.97
CA CYS A 13 -5.60 1.79 -7.91
C CYS A 13 -5.17 2.42 -6.59
N LYS A 14 -4.88 1.58 -5.60
CA LYS A 14 -4.45 2.06 -4.30
C LYS A 14 -2.94 2.14 -4.21
N LYS A 15 -2.43 2.83 -3.20
CA LYS A 15 -1.00 2.98 -3.00
C LYS A 15 -0.62 2.77 -1.53
N TYR A 16 0.68 2.80 -1.26
CA TYR A 16 1.17 2.61 0.10
C TYR A 16 0.51 3.59 1.06
N ASP A 17 0.14 3.09 2.25
CA ASP A 17 -0.49 3.93 3.26
C ASP A 17 -1.79 4.53 2.73
N VAL A 18 -2.67 3.66 2.23
CA VAL A 18 -3.95 4.10 1.68
C VAL A 18 -5.02 3.03 1.86
N GLU A 19 -6.25 3.45 2.12
CA GLU A 19 -7.36 2.52 2.29
C GLU A 19 -7.60 1.71 1.02
N CYS A 20 -8.21 0.54 1.18
CA CYS A 20 -8.51 -0.32 0.04
C CYS A 20 -9.86 -1.01 0.22
N ASP A 21 -10.47 -1.40 -0.90
CA ASP A 21 -11.76 -2.06 -0.86
C ASP A 21 -11.60 -3.57 -1.04
N SER A 22 -12.43 -4.35 -0.34
CA SER A 22 -12.37 -5.80 -0.42
C SER A 22 -11.00 -6.31 0.01
N GLY A 23 -10.28 -5.49 0.77
CA GLY A 23 -8.96 -5.88 1.25
C GLY A 23 -8.00 -6.16 0.10
N GLU A 24 -8.31 -5.63 -1.08
CA GLU A 24 -7.47 -5.83 -2.26
C GLU A 24 -6.54 -4.64 -2.46
N CYS A 25 -5.24 -4.94 -2.59
CA CYS A 25 -4.25 -3.90 -2.79
C CYS A 25 -3.74 -3.90 -4.23
N CYS A 26 -3.07 -2.83 -4.63
CA CYS A 26 -2.53 -2.70 -5.97
C CYS A 26 -1.64 -3.89 -6.32
N GLN A 27 -1.25 -3.99 -7.58
CA GLN A 27 -0.41 -5.08 -8.05
C GLN A 27 0.90 -5.13 -7.25
N LYS A 28 1.71 -4.09 -7.38
CA LYS A 28 2.98 -4.02 -6.66
C LYS A 28 3.38 -2.57 -6.42
N GLN A 29 4.41 -2.37 -5.60
CA GLN A 29 4.88 -1.03 -5.27
C GLN A 29 6.39 -1.04 -5.01
N TYR A 30 7.07 0.00 -5.48
CA TYR A 30 8.51 0.11 -5.30
C TYR A 30 8.84 0.64 -3.91
N LEU A 31 9.47 -0.20 -3.09
CA LEU A 31 9.85 0.18 -1.74
C LEU A 31 11.23 -0.36 -1.39
N TRP A 32 12.05 0.50 -0.79
CA TRP A 32 13.40 0.11 -0.40
C TRP A 32 14.21 -0.36 -1.61
N TYR A 33 14.08 0.38 -2.71
CA TYR A 33 14.79 0.04 -3.93
C TYR A 33 14.45 -1.38 -4.39
N LYS A 34 13.21 -1.78 -4.16
CA LYS A 34 12.76 -3.11 -4.55
C LYS A 34 11.23 -3.16 -4.64
N TRP A 35 10.73 -3.75 -5.72
CA TRP A 35 9.30 -3.86 -5.93
C TRP A 35 8.70 -4.92 -5.01
N ARG A 36 7.96 -4.48 -3.99
CA ARG A 36 7.33 -5.39 -3.04
C ARG A 36 5.81 -5.28 -3.12
N PRO A 37 5.13 -6.36 -2.74
CA PRO A 37 3.66 -6.41 -2.76
C PRO A 37 3.04 -5.53 -1.68
N LEU A 38 1.71 -5.44 -1.68
CA LEU A 38 0.99 -4.63 -0.71
C LEU A 38 -0.12 -5.42 -0.05
N ASP A 39 -0.38 -5.14 1.22
CA ASP A 39 -1.42 -5.82 1.97
C ASP A 39 -2.08 -4.89 2.98
N CYS A 40 -3.41 -4.94 3.04
CA CYS A 40 -4.16 -4.10 3.96
C CYS A 40 -3.94 -4.54 5.41
N ARG A 41 -3.23 -3.72 6.17
CA ARG A 41 -2.95 -4.03 7.57
C ARG A 41 -3.51 -2.95 8.48
N CYS A 42 -4.17 -3.37 9.56
CA CYS A 42 -4.75 -2.43 10.51
C CYS A 42 -3.75 -2.07 11.60
N LEU A 43 -3.06 -0.96 11.42
CA LEU A 43 -2.07 -0.50 12.39
C LEU A 43 -2.04 1.03 12.46
N LYS A 44 -2.20 1.55 13.68
CA LYS A 44 -2.20 3.00 13.89
C LYS A 44 -1.62 3.34 15.26
N SER A 45 -0.93 4.47 15.33
CA SER A 45 -0.32 4.92 16.58
C SER A 45 -0.84 6.30 16.98
N GLY A 46 -1.48 6.37 18.13
CA GLY A 46 -2.01 7.65 18.60
C GLY A 46 -3.52 7.64 18.69
N PHE A 47 -4.18 7.06 17.69
CA PHE A 47 -5.63 7.00 17.66
C PHE A 47 -6.14 5.81 18.47
N PHE A 48 -7.31 5.97 19.07
CA PHE A 48 -7.91 4.92 19.87
C PHE A 48 -8.14 3.66 19.05
N SER A 49 -8.29 3.84 17.73
CA SER A 49 -8.52 2.73 16.83
C SER A 49 -7.44 2.67 15.75
N SER A 50 -7.64 1.79 14.77
CA SER A 50 -6.67 1.64 13.68
C SER A 50 -7.39 1.27 12.38
N LYS A 51 -6.94 1.86 11.28
CA LYS A 51 -7.52 1.61 9.97
C LYS A 51 -6.62 0.70 9.14
N CYS A 52 -7.22 -0.07 8.25
CA CYS A 52 -6.46 -0.99 7.39
C CYS A 52 -6.01 -0.26 6.12
N VAL A 53 -4.70 -0.31 5.87
CA VAL A 53 -4.13 0.33 4.69
C VAL A 53 -3.06 -0.54 4.05
N CYS A 54 -2.81 -0.32 2.77
CA CYS A 54 -1.80 -1.09 2.04
C CYS A 54 -0.42 -0.88 2.64
N ARG A 55 0.22 -1.98 3.03
CA ARG A 55 1.55 -1.93 3.63
C ARG A 55 2.50 -2.91 2.93
N ASP A 56 3.79 -2.66 3.06
CA ASP A 56 4.81 -3.51 2.45
C ASP A 56 4.90 -4.85 3.17
N VAL A 57 4.74 -5.93 2.43
CA VAL A 57 4.80 -7.28 3.00
C VAL A 57 5.73 -8.18 2.18
N SER A 1 13.77 2.11 -14.86
CA SER A 1 14.22 2.74 -13.62
C SER A 1 13.08 3.50 -12.95
N ALA A 2 12.47 2.87 -11.96
CA ALA A 2 11.36 3.49 -11.24
C ALA A 2 11.87 4.36 -10.09
N LYS A 3 10.99 5.17 -9.53
CA LYS A 3 11.35 6.05 -8.43
C LYS A 3 10.38 5.89 -7.26
N ASP A 4 10.67 6.57 -6.15
CA ASP A 4 9.83 6.50 -4.97
C ASP A 4 8.40 6.97 -5.28
N GLY A 5 7.44 6.06 -5.14
CA GLY A 5 6.06 6.40 -5.42
C GLY A 5 5.54 5.74 -6.68
N ASP A 6 6.22 4.70 -7.13
CA ASP A 6 5.82 3.97 -8.33
C ASP A 6 5.17 2.65 -7.98
N VAL A 7 4.04 2.36 -8.62
CA VAL A 7 3.31 1.13 -8.36
C VAL A 7 3.03 0.38 -9.66
N GLU A 8 2.58 -0.86 -9.54
CA GLU A 8 2.28 -1.69 -10.70
C GLU A 8 0.80 -2.06 -10.75
N GLY A 9 0.21 -1.99 -11.94
CA GLY A 9 -1.19 -2.31 -12.09
C GLY A 9 -1.95 -1.28 -12.88
N PRO A 10 -3.29 -1.31 -12.81
CA PRO A 10 -4.15 -0.37 -13.52
C PRO A 10 -4.07 1.04 -12.93
N ALA A 11 -4.05 2.03 -13.82
CA ALA A 11 -3.98 3.43 -13.40
C ALA A 11 -5.18 3.81 -12.54
N GLY A 12 -4.90 4.27 -11.32
CA GLY A 12 -5.96 4.66 -10.41
C GLY A 12 -6.09 3.72 -9.24
N CYS A 13 -5.23 2.72 -9.18
CA CYS A 13 -5.25 1.74 -8.10
C CYS A 13 -4.88 2.39 -6.77
N LYS A 14 -4.67 1.56 -5.75
CA LYS A 14 -4.30 2.06 -4.43
C LYS A 14 -2.79 2.14 -4.27
N LYS A 15 -2.33 3.02 -3.39
CA LYS A 15 -0.91 3.18 -3.15
C LYS A 15 -0.58 3.02 -1.66
N TYR A 16 0.70 3.08 -1.33
CA TYR A 16 1.14 2.93 0.05
C TYR A 16 0.41 3.91 0.97
N ASP A 17 0.03 3.45 2.15
CA ASP A 17 -0.68 4.28 3.11
C ASP A 17 -1.98 4.81 2.53
N VAL A 18 -2.76 3.91 1.92
CA VAL A 18 -4.03 4.28 1.32
C VAL A 18 -5.07 3.18 1.51
N GLU A 19 -6.27 3.57 1.91
CA GLU A 19 -7.35 2.61 2.14
C GLU A 19 -7.71 1.89 0.83
N CYS A 20 -8.26 0.69 0.97
CA CYS A 20 -8.63 -0.11 -0.19
C CYS A 20 -9.89 -0.93 0.10
N ASP A 21 -10.49 -1.48 -0.95
CA ASP A 21 -11.70 -2.29 -0.80
C ASP A 21 -11.35 -3.78 -0.75
N SER A 22 -12.10 -4.52 0.05
CA SER A 22 -11.87 -5.96 0.19
C SER A 22 -10.45 -6.24 0.66
N GLY A 23 -9.83 -5.26 1.29
CA GLY A 23 -8.46 -5.41 1.76
C GLY A 23 -7.50 -5.78 0.65
N GLU A 24 -7.86 -5.45 -0.58
CA GLU A 24 -7.03 -5.75 -1.73
C GLU A 24 -6.18 -4.53 -2.12
N CYS A 25 -4.87 -4.74 -2.23
CA CYS A 25 -3.95 -3.67 -2.59
C CYS A 25 -3.46 -3.84 -4.03
N CYS A 26 -2.79 -2.81 -4.54
CA CYS A 26 -2.27 -2.85 -5.90
C CYS A 26 -1.37 -4.08 -6.11
N GLN A 27 -0.92 -4.27 -7.34
CA GLN A 27 -0.07 -5.40 -7.68
C GLN A 27 1.24 -5.35 -6.89
N LYS A 28 2.04 -4.32 -7.13
CA LYS A 28 3.31 -4.16 -6.44
C LYS A 28 3.68 -2.68 -6.35
N GLN A 29 4.67 -2.38 -5.50
CA GLN A 29 5.12 -1.01 -5.31
C GLN A 29 6.64 -0.95 -5.13
N TYR A 30 7.23 0.17 -5.50
CA TYR A 30 8.67 0.34 -5.38
C TYR A 30 9.04 0.93 -4.01
N LEU A 31 9.40 0.04 -3.08
CA LEU A 31 9.78 0.47 -1.73
C LEU A 31 11.16 -0.06 -1.38
N TRP A 32 11.96 0.79 -0.75
CA TRP A 32 13.31 0.41 -0.33
C TRP A 32 14.14 -0.02 -1.54
N TYR A 33 13.98 0.67 -2.65
CA TYR A 33 14.70 0.35 -3.87
C TYR A 33 14.43 -1.07 -4.31
N LYS A 34 13.20 -1.52 -4.12
CA LYS A 34 12.81 -2.87 -4.50
C LYS A 34 11.29 -2.98 -4.66
N TRP A 35 10.86 -3.84 -5.57
CA TRP A 35 9.43 -4.03 -5.82
C TRP A 35 8.83 -5.00 -4.82
N ARG A 36 8.04 -4.46 -3.88
CA ARG A 36 7.41 -5.30 -2.87
C ARG A 36 5.89 -5.21 -2.97
N PRO A 37 5.21 -6.27 -2.50
CA PRO A 37 3.74 -6.33 -2.53
C PRO A 37 3.09 -5.36 -1.56
N LEU A 38 1.77 -5.29 -1.59
CA LEU A 38 1.03 -4.40 -0.70
C LEU A 38 -0.19 -5.09 -0.11
N ASP A 39 -0.59 -4.68 1.08
CA ASP A 39 -1.75 -5.27 1.75
C ASP A 39 -2.32 -4.31 2.79
N CYS A 40 -3.64 -4.20 2.82
CA CYS A 40 -4.32 -3.31 3.76
C CYS A 40 -4.30 -3.90 5.16
N ARG A 41 -3.56 -3.26 6.06
CA ARG A 41 -3.46 -3.72 7.45
C ARG A 41 -3.89 -2.63 8.41
N CYS A 42 -4.55 -3.03 9.49
CA CYS A 42 -5.02 -2.09 10.50
C CYS A 42 -4.05 -2.02 11.67
N LEU A 43 -3.22 -0.98 11.69
CA LEU A 43 -2.24 -0.80 12.76
C LEU A 43 -2.05 0.68 13.08
N LYS A 44 -2.28 1.05 14.34
CA LYS A 44 -2.14 2.43 14.77
C LYS A 44 -1.68 2.50 16.22
N SER A 45 -0.94 3.55 16.56
CA SER A 45 -0.44 3.73 17.92
C SER A 45 -0.92 5.06 18.49
N GLY A 46 -1.78 4.99 19.51
CA GLY A 46 -2.29 6.20 20.14
C GLY A 46 -3.79 6.33 19.98
N PHE A 47 -4.29 6.03 18.79
CA PHE A 47 -5.72 6.12 18.51
C PHE A 47 -6.40 4.77 18.70
N PHE A 48 -7.64 4.80 19.17
CA PHE A 48 -8.41 3.58 19.40
C PHE A 48 -8.78 2.92 18.08
N SER A 49 -9.47 3.65 17.22
CA SER A 49 -9.88 3.13 15.92
C SER A 49 -8.75 3.23 14.91
N SER A 50 -8.05 2.13 14.70
CA SER A 50 -6.94 2.09 13.75
C SER A 50 -7.46 2.06 12.31
N LYS A 51 -6.85 2.87 11.46
CA LYS A 51 -7.25 2.94 10.05
C LYS A 51 -6.48 1.90 9.23
N CYS A 52 -7.21 1.18 8.38
CA CYS A 52 -6.60 0.16 7.54
C CYS A 52 -6.09 0.76 6.23
N VAL A 53 -4.81 0.56 5.95
CA VAL A 53 -4.20 1.08 4.73
C VAL A 53 -3.14 0.12 4.20
N CYS A 54 -2.84 0.26 2.91
CA CYS A 54 -1.84 -0.59 2.26
C CYS A 54 -0.47 -0.41 2.90
N ARG A 55 0.18 -1.51 3.24
CA ARG A 55 1.50 -1.47 3.87
C ARG A 55 2.38 -2.61 3.35
N ASP A 56 3.68 -2.37 3.33
CA ASP A 56 4.63 -3.38 2.86
C ASP A 56 4.69 -4.56 3.82
N VAL A 57 4.45 -5.75 3.29
CA VAL A 57 4.48 -6.96 4.10
C VAL A 57 5.73 -7.79 3.83
N SER A 1 15.78 2.23 -13.21
CA SER A 1 15.31 2.37 -11.84
C SER A 1 13.99 3.12 -11.80
N ALA A 2 13.19 2.86 -10.76
CA ALA A 2 11.90 3.50 -10.61
C ALA A 2 11.95 4.57 -9.52
N LYS A 3 10.90 5.39 -9.45
CA LYS A 3 10.83 6.46 -8.47
C LYS A 3 9.81 6.12 -7.38
N ASP A 4 9.93 6.79 -6.23
CA ASP A 4 9.01 6.55 -5.12
C ASP A 4 7.58 6.84 -5.53
N GLY A 5 6.69 5.87 -5.30
CA GLY A 5 5.30 6.05 -5.64
C GLY A 5 4.88 5.16 -6.80
N ASP A 6 5.86 4.61 -7.51
CA ASP A 6 5.59 3.74 -8.65
C ASP A 6 4.96 2.43 -8.19
N VAL A 7 3.90 2.02 -8.88
CA VAL A 7 3.20 0.78 -8.55
C VAL A 7 2.86 -0.02 -9.81
N GLU A 8 2.36 -1.23 -9.62
CA GLU A 8 1.99 -2.09 -10.73
C GLU A 8 0.51 -2.44 -10.69
N GLY A 9 -0.15 -2.36 -11.85
CA GLY A 9 -1.57 -2.68 -11.91
C GLY A 9 -2.34 -1.67 -12.74
N PRO A 10 -3.67 -1.68 -12.61
CA PRO A 10 -4.56 -0.78 -13.35
C PRO A 10 -4.44 0.66 -12.87
N ALA A 11 -4.50 1.60 -13.81
CA ALA A 11 -4.39 3.01 -13.49
C ALA A 11 -5.53 3.45 -12.57
N GLY A 12 -5.17 4.00 -11.41
CA GLY A 12 -6.17 4.45 -10.46
C GLY A 12 -6.30 3.53 -9.27
N CYS A 13 -5.30 2.66 -9.09
CA CYS A 13 -5.31 1.71 -7.99
C CYS A 13 -4.86 2.38 -6.68
N LYS A 14 -4.62 1.58 -5.66
CA LYS A 14 -4.18 2.09 -4.36
C LYS A 14 -2.66 2.02 -4.25
N LYS A 15 -2.11 2.80 -3.32
CA LYS A 15 -0.67 2.84 -3.10
C LYS A 15 -0.34 2.63 -1.63
N TYR A 16 0.95 2.57 -1.32
CA TYR A 16 1.40 2.37 0.06
C TYR A 16 0.80 3.43 0.97
N ASP A 17 0.35 2.99 2.15
CA ASP A 17 -0.24 3.91 3.12
C ASP A 17 -1.46 4.60 2.54
N VAL A 18 -2.40 3.81 2.04
CA VAL A 18 -3.63 4.35 1.45
C VAL A 18 -4.79 3.38 1.61
N GLU A 19 -5.98 3.93 1.83
CA GLU A 19 -7.17 3.11 2.00
C GLU A 19 -7.46 2.29 0.74
N CYS A 20 -8.26 1.24 0.89
CA CYS A 20 -8.61 0.38 -0.24
C CYS A 20 -9.97 -0.27 -0.02
N ASP A 21 -10.55 -0.78 -1.10
CA ASP A 21 -11.87 -1.43 -1.03
C ASP A 21 -11.71 -2.94 -1.00
N SER A 22 -12.58 -3.60 -0.24
CA SER A 22 -12.55 -5.05 -0.12
C SER A 22 -11.18 -5.53 0.36
N GLY A 23 -10.45 -4.64 1.04
CA GLY A 23 -9.14 -4.98 1.56
C GLY A 23 -8.19 -5.43 0.46
N GLU A 24 -8.48 -5.03 -0.78
CA GLU A 24 -7.65 -5.40 -1.91
C GLU A 24 -6.68 -4.28 -2.26
N CYS A 25 -5.39 -4.60 -2.33
CA CYS A 25 -4.38 -3.62 -2.65
C CYS A 25 -3.83 -3.84 -4.06
N CYS A 26 -3.03 -2.89 -4.53
CA CYS A 26 -2.44 -2.98 -5.87
C CYS A 26 -1.56 -4.23 -6.00
N GLN A 27 -1.05 -4.46 -7.20
CA GLN A 27 -0.19 -5.61 -7.46
C GLN A 27 1.12 -5.50 -6.68
N LYS A 28 1.91 -4.49 -7.02
CA LYS A 28 3.18 -4.27 -6.34
C LYS A 28 3.52 -2.78 -6.28
N GLN A 29 4.55 -2.44 -5.52
CA GLN A 29 4.97 -1.05 -5.37
C GLN A 29 6.47 -0.96 -5.13
N TYR A 30 7.07 0.14 -5.59
CA TYR A 30 8.51 0.35 -5.43
C TYR A 30 8.83 0.94 -4.06
N LEU A 31 9.08 0.07 -3.09
CA LEU A 31 9.39 0.50 -1.74
C LEU A 31 10.85 0.19 -1.40
N TRP A 32 11.53 1.16 -0.78
CA TRP A 32 12.92 0.99 -0.41
C TRP A 32 13.77 0.56 -1.60
N TYR A 33 13.51 1.16 -2.74
CA TYR A 33 14.24 0.84 -3.97
C TYR A 33 14.06 -0.63 -4.33
N LYS A 34 12.95 -1.21 -3.89
CA LYS A 34 12.66 -2.62 -4.18
C LYS A 34 11.16 -2.83 -4.39
N TRP A 35 10.81 -3.56 -5.43
CA TRP A 35 9.41 -3.84 -5.74
C TRP A 35 8.86 -4.94 -4.85
N ARG A 36 8.01 -4.55 -3.89
CA ARG A 36 7.42 -5.51 -2.97
C ARG A 36 5.90 -5.44 -3.02
N PRO A 37 5.23 -6.53 -2.59
CA PRO A 37 3.77 -6.61 -2.57
C PRO A 37 3.16 -5.70 -1.51
N LEU A 38 1.83 -5.64 -1.49
CA LEU A 38 1.11 -4.80 -0.54
C LEU A 38 -0.08 -5.55 0.06
N ASP A 39 -0.39 -5.25 1.31
CA ASP A 39 -1.51 -5.89 1.99
C ASP A 39 -2.27 -4.89 2.85
N CYS A 40 -3.57 -4.75 2.58
CA CYS A 40 -4.41 -3.82 3.31
C CYS A 40 -4.61 -4.29 4.75
N ARG A 41 -3.72 -3.86 5.65
CA ARG A 41 -3.80 -4.24 7.05
C ARG A 41 -4.11 -3.03 7.92
N CYS A 42 -4.68 -3.29 9.09
CA CYS A 42 -5.03 -2.22 10.03
C CYS A 42 -4.04 -2.18 11.19
N LEU A 43 -3.15 -1.20 11.16
CA LEU A 43 -2.15 -1.04 12.22
C LEU A 43 -1.85 0.43 12.46
N LYS A 44 -1.95 0.84 13.73
CA LYS A 44 -1.68 2.22 14.11
C LYS A 44 -1.02 2.30 15.48
N SER A 45 -0.27 3.36 15.70
CA SER A 45 0.43 3.55 16.98
C SER A 45 0.00 4.87 17.63
N GLY A 46 -0.73 4.76 18.73
CA GLY A 46 -1.17 5.94 19.44
C GLY A 46 -2.68 6.05 19.50
N PHE A 47 -3.33 5.74 18.37
CA PHE A 47 -4.78 5.81 18.28
C PHE A 47 -5.41 4.47 18.66
N PHE A 48 -6.59 4.53 19.27
CA PHE A 48 -7.30 3.31 19.68
C PHE A 48 -7.89 2.59 18.48
N SER A 49 -8.37 3.36 17.51
CA SER A 49 -8.96 2.80 16.30
C SER A 49 -7.99 2.88 15.12
N SER A 50 -7.31 1.77 14.85
CA SER A 50 -6.35 1.72 13.75
C SER A 50 -7.07 1.68 12.41
N LYS A 51 -6.51 2.36 11.42
CA LYS A 51 -7.09 2.40 10.09
C LYS A 51 -6.42 1.38 9.17
N CYS A 52 -7.18 0.85 8.21
CA CYS A 52 -6.65 -0.12 7.27
C CYS A 52 -6.00 0.56 6.08
N VAL A 53 -4.74 0.23 5.83
CA VAL A 53 -4.01 0.81 4.71
C VAL A 53 -3.04 -0.20 4.10
N CYS A 54 -2.44 0.17 2.97
CA CYS A 54 -1.50 -0.70 2.28
C CYS A 54 -0.13 -0.67 2.96
N ARG A 55 0.46 -1.85 3.16
CA ARG A 55 1.76 -1.95 3.81
C ARG A 55 2.60 -3.05 3.14
N ASP A 56 3.92 -2.89 3.20
CA ASP A 56 4.84 -3.86 2.62
C ASP A 56 4.78 -5.18 3.37
N VAL A 57 4.74 -6.28 2.62
CA VAL A 57 4.68 -7.61 3.22
C VAL A 57 5.71 -8.54 2.59
N SER A 1 16.06 4.08 -12.27
CA SER A 1 15.14 3.28 -11.48
C SER A 1 13.73 3.87 -11.52
N ALA A 2 12.80 3.22 -10.82
CA ALA A 2 11.42 3.69 -10.78
C ALA A 2 11.26 4.81 -9.75
N LYS A 3 10.78 5.96 -10.21
CA LYS A 3 10.57 7.11 -9.34
C LYS A 3 9.75 6.72 -8.12
N ASP A 4 9.85 7.53 -7.07
CA ASP A 4 9.11 7.27 -5.83
C ASP A 4 7.62 7.37 -6.07
N GLY A 5 6.84 6.58 -5.33
CA GLY A 5 5.40 6.60 -5.47
C GLY A 5 4.93 5.81 -6.69
N ASP A 6 5.80 4.93 -7.18
CA ASP A 6 5.47 4.10 -8.34
C ASP A 6 4.90 2.76 -7.91
N VAL A 7 3.94 2.26 -8.69
CA VAL A 7 3.31 0.98 -8.39
C VAL A 7 3.08 0.16 -9.65
N GLU A 8 2.62 -1.07 -9.49
CA GLU A 8 2.35 -1.95 -10.63
C GLU A 8 0.87 -2.27 -10.73
N GLY A 9 0.33 -2.17 -11.94
CA GLY A 9 -1.08 -2.44 -12.16
C GLY A 9 -1.76 -1.38 -12.97
N PRO A 10 -3.11 -1.38 -12.95
CA PRO A 10 -3.92 -0.40 -13.69
C PRO A 10 -3.81 1.00 -13.10
N ALA A 11 -3.76 2.00 -13.98
CA ALA A 11 -3.66 3.38 -13.54
C ALA A 11 -4.88 3.78 -12.70
N GLY A 12 -4.62 4.23 -11.48
CA GLY A 12 -5.70 4.64 -10.60
C GLY A 12 -5.96 3.63 -9.50
N CYS A 13 -5.02 2.71 -9.30
CA CYS A 13 -5.16 1.68 -8.28
C CYS A 13 -4.91 2.27 -6.89
N LYS A 14 -4.81 1.39 -5.90
CA LYS A 14 -4.58 1.81 -4.52
C LYS A 14 -3.08 1.83 -4.20
N LYS A 15 -2.54 3.02 -3.99
CA LYS A 15 -1.13 3.18 -3.67
C LYS A 15 -0.87 2.91 -2.19
N TYR A 16 0.40 2.94 -1.80
CA TYR A 16 0.78 2.71 -0.41
C TYR A 16 0.08 3.70 0.52
N ASP A 17 -0.22 3.24 1.74
CA ASP A 17 -0.88 4.08 2.72
C ASP A 17 -2.23 4.57 2.21
N VAL A 18 -3.03 3.63 1.69
CA VAL A 18 -4.35 3.96 1.16
C VAL A 18 -5.30 2.77 1.29
N GLU A 19 -6.56 3.07 1.59
CA GLU A 19 -7.57 2.03 1.74
C GLU A 19 -7.82 1.30 0.42
N CYS A 20 -8.67 0.29 0.46
CA CYS A 20 -8.98 -0.49 -0.73
C CYS A 20 -10.27 -1.29 -0.53
N ASP A 21 -10.78 -1.87 -1.62
CA ASP A 21 -12.00 -2.67 -1.56
C ASP A 21 -11.67 -4.16 -1.55
N SER A 22 -12.46 -4.92 -0.80
CA SER A 22 -12.26 -6.37 -0.71
C SER A 22 -10.88 -6.68 -0.16
N GLY A 23 -10.29 -5.71 0.54
CA GLY A 23 -8.97 -5.91 1.11
C GLY A 23 -7.93 -6.23 0.05
N GLU A 24 -8.22 -5.87 -1.19
CA GLU A 24 -7.30 -6.13 -2.29
C GLU A 24 -6.46 -4.90 -2.61
N CYS A 25 -5.14 -5.06 -2.63
CA CYS A 25 -4.23 -3.96 -2.91
C CYS A 25 -3.64 -4.09 -4.32
N CYS A 26 -2.93 -3.05 -4.75
CA CYS A 26 -2.32 -3.05 -6.07
C CYS A 26 -1.40 -4.25 -6.24
N GLN A 27 -0.87 -4.41 -7.45
CA GLN A 27 0.02 -5.53 -7.75
C GLN A 27 1.30 -5.44 -6.92
N LYS A 28 2.08 -4.39 -7.16
CA LYS A 28 3.32 -4.18 -6.43
C LYS A 28 3.62 -2.70 -6.27
N GLN A 29 4.62 -2.39 -5.46
CA GLN A 29 5.00 -1.00 -5.22
C GLN A 29 6.50 -0.88 -4.95
N TYR A 30 7.07 0.26 -5.32
CA TYR A 30 8.50 0.50 -5.12
C TYR A 30 8.78 1.01 -3.72
N LEU A 31 9.30 0.13 -2.87
CA LEU A 31 9.61 0.49 -1.49
C LEU A 31 10.98 -0.05 -1.09
N TRP A 32 11.75 0.78 -0.39
CA TRP A 32 13.08 0.39 0.05
C TRP A 32 13.96 -0.01 -1.12
N TYR A 33 13.77 0.67 -2.26
CA TYR A 33 14.54 0.38 -3.46
C TYR A 33 14.27 -1.03 -3.96
N LYS A 34 13.04 -1.49 -3.80
CA LYS A 34 12.64 -2.82 -4.22
C LYS A 34 11.13 -2.91 -4.41
N TRP A 35 10.70 -3.74 -5.35
CA TRP A 35 9.28 -3.92 -5.62
C TRP A 35 8.67 -4.93 -4.66
N ARG A 36 7.85 -4.43 -3.73
CA ARG A 36 7.20 -5.29 -2.76
C ARG A 36 5.68 -5.26 -2.93
N PRO A 37 5.02 -6.35 -2.50
CA PRO A 37 3.56 -6.47 -2.60
C PRO A 37 2.83 -5.53 -1.64
N LEU A 38 1.51 -5.51 -1.74
CA LEU A 38 0.69 -4.65 -0.87
C LEU A 38 -0.55 -5.39 -0.39
N ASP A 39 -1.03 -5.02 0.79
CA ASP A 39 -2.21 -5.65 1.37
C ASP A 39 -2.86 -4.73 2.40
N CYS A 40 -4.19 -4.75 2.45
CA CYS A 40 -4.94 -3.93 3.38
C CYS A 40 -4.62 -4.30 4.83
N ARG A 41 -3.64 -3.62 5.41
CA ARG A 41 -3.24 -3.88 6.78
C ARG A 41 -3.73 -2.79 7.72
N CYS A 42 -4.12 -3.18 8.93
CA CYS A 42 -4.63 -2.23 9.92
C CYS A 42 -3.68 -2.14 11.11
N LEU A 43 -3.15 -0.95 11.34
CA LEU A 43 -2.22 -0.73 12.46
C LEU A 43 -2.43 0.66 13.07
N LYS A 44 -2.18 0.77 14.36
CA LYS A 44 -2.33 2.03 15.07
C LYS A 44 -1.24 2.21 16.11
N SER A 45 -0.90 3.47 16.39
CA SER A 45 0.15 3.78 17.36
C SER A 45 -0.40 4.66 18.48
N GLY A 46 -0.85 4.02 19.55
CA GLY A 46 -1.39 4.76 20.69
C GLY A 46 -2.64 5.53 20.32
N PHE A 47 -3.29 5.13 19.23
CA PHE A 47 -4.50 5.79 18.77
C PHE A 47 -5.74 5.09 19.32
N PHE A 48 -6.92 5.62 18.96
CA PHE A 48 -8.17 5.04 19.42
C PHE A 48 -8.89 4.34 18.28
N SER A 49 -8.76 4.89 17.08
CA SER A 49 -9.41 4.32 15.90
C SER A 49 -8.38 3.92 14.86
N SER A 50 -8.05 2.63 14.83
CA SER A 50 -7.07 2.11 13.88
C SER A 50 -7.61 2.15 12.45
N LYS A 51 -6.76 2.53 11.51
CA LYS A 51 -7.15 2.61 10.10
C LYS A 51 -6.49 1.51 9.29
N CYS A 52 -7.14 1.09 8.22
CA CYS A 52 -6.61 0.04 7.35
C CYS A 52 -6.10 0.63 6.04
N VAL A 53 -4.84 0.33 5.72
CA VAL A 53 -4.22 0.82 4.50
C VAL A 53 -3.27 -0.20 3.91
N CYS A 54 -2.97 -0.06 2.63
CA CYS A 54 -2.06 -0.97 1.94
C CYS A 54 -0.65 -0.86 2.50
N ARG A 55 -0.22 -1.90 3.22
CA ARG A 55 1.11 -1.93 3.80
C ARG A 55 1.97 -3.01 3.16
N ASP A 56 3.28 -2.77 3.12
CA ASP A 56 4.21 -3.72 2.53
C ASP A 56 4.44 -4.91 3.45
N VAL A 57 4.17 -6.11 2.95
CA VAL A 57 4.34 -7.33 3.74
C VAL A 57 5.54 -8.12 3.25
N SER A 1 13.37 2.99 -15.54
CA SER A 1 13.63 2.97 -14.11
C SER A 1 12.39 3.37 -13.32
N ALA A 2 12.40 3.10 -12.02
CA ALA A 2 11.27 3.44 -11.15
C ALA A 2 11.58 4.69 -10.32
N LYS A 3 10.58 5.17 -9.58
CA LYS A 3 10.75 6.34 -8.74
C LYS A 3 10.01 6.17 -7.41
N ASP A 4 10.07 7.20 -6.57
CA ASP A 4 9.42 7.16 -5.27
C ASP A 4 7.90 7.23 -5.44
N GLY A 5 7.22 6.16 -5.02
CA GLY A 5 5.77 6.12 -5.13
C GLY A 5 5.30 5.36 -6.36
N ASP A 6 6.19 4.56 -6.93
CA ASP A 6 5.87 3.79 -8.13
C ASP A 6 5.22 2.46 -7.75
N VAL A 7 4.18 2.08 -8.50
CA VAL A 7 3.47 0.83 -8.25
C VAL A 7 3.21 0.08 -9.54
N GLU A 8 2.75 -1.16 -9.42
CA GLU A 8 2.45 -1.99 -10.59
C GLU A 8 0.97 -2.33 -10.65
N GLY A 9 0.43 -2.40 -11.86
CA GLY A 9 -0.98 -2.71 -12.03
C GLY A 9 -1.69 -1.70 -12.89
N PRO A 10 -3.04 -1.74 -12.86
CA PRO A 10 -3.87 -0.82 -13.64
C PRO A 10 -3.80 0.61 -13.12
N ALA A 11 -3.81 1.57 -14.04
CA ALA A 11 -3.74 2.98 -13.68
C ALA A 11 -4.96 3.39 -12.85
N GLY A 12 -4.70 3.91 -11.65
CA GLY A 12 -5.78 4.33 -10.79
C GLY A 12 -5.91 3.46 -9.55
N CYS A 13 -5.08 2.43 -9.48
CA CYS A 13 -5.10 1.52 -8.34
C CYS A 13 -4.72 2.23 -7.05
N LYS A 14 -4.49 1.46 -5.99
CA LYS A 14 -4.12 2.02 -4.71
C LYS A 14 -2.61 2.06 -4.55
N LYS A 15 -2.14 2.82 -3.56
CA LYS A 15 -0.70 2.93 -3.30
C LYS A 15 -0.42 2.84 -1.80
N TYR A 16 0.87 2.85 -1.45
CA TYR A 16 1.28 2.77 -0.05
C TYR A 16 0.59 3.85 0.78
N ASP A 17 0.12 3.46 1.96
CA ASP A 17 -0.56 4.40 2.85
C ASP A 17 -1.79 4.99 2.18
N VAL A 18 -2.67 4.13 1.69
CA VAL A 18 -3.90 4.57 1.03
C VAL A 18 -5.01 3.54 1.20
N GLU A 19 -6.24 4.04 1.35
CA GLU A 19 -7.39 3.17 1.52
C GLU A 19 -7.59 2.26 0.29
N CYS A 20 -8.24 1.13 0.51
CA CYS A 20 -8.49 0.18 -0.56
C CYS A 20 -9.84 -0.50 -0.38
N ASP A 21 -10.37 -1.05 -1.48
CA ASP A 21 -11.67 -1.72 -1.45
C ASP A 21 -11.47 -3.24 -1.48
N SER A 22 -12.33 -3.96 -0.77
CA SER A 22 -12.27 -5.40 -0.71
C SER A 22 -10.92 -5.87 -0.16
N GLY A 23 -10.27 -4.99 0.60
CA GLY A 23 -8.98 -5.33 1.18
C GLY A 23 -7.96 -5.74 0.13
N GLU A 24 -8.18 -5.31 -1.11
CA GLU A 24 -7.28 -5.63 -2.21
C GLU A 24 -6.29 -4.50 -2.45
N CYS A 25 -5.00 -4.83 -2.48
CA CYS A 25 -3.97 -3.84 -2.71
C CYS A 25 -3.38 -3.99 -4.11
N CYS A 26 -2.73 -2.93 -4.59
CA CYS A 26 -2.13 -2.93 -5.91
C CYS A 26 -1.20 -4.14 -6.08
N GLN A 27 -0.74 -4.35 -7.31
CA GLN A 27 0.15 -5.46 -7.61
C GLN A 27 1.40 -5.40 -6.74
N LYS A 28 2.20 -4.36 -6.94
CA LYS A 28 3.43 -4.18 -6.17
C LYS A 28 3.81 -2.71 -6.09
N GLN A 29 4.79 -2.40 -5.23
CA GLN A 29 5.24 -1.03 -5.06
C GLN A 29 6.77 -0.96 -4.98
N TYR A 30 7.32 0.19 -5.33
CA TYR A 30 8.78 0.38 -5.30
C TYR A 30 9.22 0.88 -3.93
N LEU A 31 9.54 -0.04 -3.04
CA LEU A 31 9.99 0.31 -1.70
C LEU A 31 11.39 -0.24 -1.43
N TRP A 32 12.22 0.56 -0.76
CA TRP A 32 13.58 0.15 -0.44
C TRP A 32 14.36 -0.18 -1.71
N TYR A 33 14.08 0.55 -2.77
CA TYR A 33 14.76 0.34 -4.05
C TYR A 33 14.48 -1.06 -4.58
N LYS A 34 13.29 -1.57 -4.29
CA LYS A 34 12.89 -2.89 -4.75
C LYS A 34 11.38 -2.97 -4.93
N TRP A 35 10.93 -4.03 -5.62
CA TRP A 35 9.50 -4.22 -5.87
C TRP A 35 8.91 -5.19 -4.86
N ARG A 36 8.12 -4.67 -3.93
CA ARG A 36 7.49 -5.50 -2.91
C ARG A 36 5.96 -5.42 -3.02
N PRO A 37 5.29 -6.48 -2.56
CA PRO A 37 3.82 -6.54 -2.58
C PRO A 37 3.17 -5.57 -1.59
N LEU A 38 1.85 -5.50 -1.63
CA LEU A 38 1.11 -4.62 -0.74
C LEU A 38 -0.09 -5.34 -0.12
N ASP A 39 -0.41 -4.99 1.12
CA ASP A 39 -1.53 -5.60 1.82
C ASP A 39 -2.26 -4.58 2.68
N CYS A 40 -3.54 -4.81 2.92
CA CYS A 40 -4.35 -3.91 3.73
C CYS A 40 -4.26 -4.28 5.21
N ARG A 41 -3.66 -3.39 6.00
CA ARG A 41 -3.51 -3.62 7.43
C ARG A 41 -4.06 -2.45 8.23
N CYS A 42 -4.64 -2.75 9.40
CA CYS A 42 -5.22 -1.73 10.26
C CYS A 42 -4.19 -1.26 11.29
N LEU A 43 -3.49 -0.17 10.98
CA LEU A 43 -2.49 0.37 11.88
C LEU A 43 -3.13 1.28 12.92
N LYS A 44 -2.59 1.25 14.13
CA LYS A 44 -3.11 2.07 15.23
C LYS A 44 -1.98 2.49 16.17
N SER A 45 -1.95 3.78 16.50
CA SER A 45 -0.93 4.31 17.40
C SER A 45 -1.56 4.97 18.62
N GLY A 46 -1.88 4.17 19.63
CA GLY A 46 -2.48 4.69 20.83
C GLY A 46 -3.79 5.42 20.55
N PHE A 47 -4.38 5.15 19.40
CA PHE A 47 -5.64 5.78 19.01
C PHE A 47 -6.83 4.88 19.37
N PHE A 48 -8.02 5.31 18.98
CA PHE A 48 -9.23 4.55 19.25
C PHE A 48 -9.77 3.90 17.98
N SER A 49 -9.76 4.66 16.89
CA SER A 49 -10.26 4.17 15.61
C SER A 49 -9.10 3.94 14.64
N SER A 50 -8.76 2.67 14.43
CA SER A 50 -7.67 2.31 13.52
C SER A 50 -8.16 2.28 12.08
N LYS A 51 -7.35 2.80 11.17
CA LYS A 51 -7.69 2.83 9.76
C LYS A 51 -6.93 1.75 8.98
N CYS A 52 -7.51 1.27 7.90
CA CYS A 52 -6.89 0.24 7.09
C CYS A 52 -6.35 0.83 5.79
N VAL A 53 -5.07 0.58 5.51
CA VAL A 53 -4.44 1.09 4.30
C VAL A 53 -3.41 0.10 3.77
N CYS A 54 -2.91 0.36 2.57
CA CYS A 54 -1.91 -0.50 1.94
C CYS A 54 -0.55 -0.31 2.58
N ARG A 55 0.03 -1.41 3.07
CA ARG A 55 1.34 -1.37 3.70
C ARG A 55 2.25 -2.46 3.16
N ASP A 56 3.55 -2.30 3.35
CA ASP A 56 4.53 -3.28 2.87
C ASP A 56 4.46 -4.56 3.70
N VAL A 57 4.57 -5.70 3.03
CA VAL A 57 4.52 -6.99 3.70
C VAL A 57 5.67 -7.89 3.24
N SER A 1 13.39 4.35 -14.62
CA SER A 1 13.70 4.31 -13.21
C SER A 1 12.44 4.52 -12.37
N ALA A 2 12.37 3.81 -11.25
CA ALA A 2 11.22 3.91 -10.36
C ALA A 2 11.47 4.91 -9.24
N LYS A 3 10.56 5.87 -9.10
CA LYS A 3 10.68 6.91 -8.07
C LYS A 3 9.81 6.57 -6.87
N ASP A 4 9.84 7.45 -5.86
CA ASP A 4 9.04 7.26 -4.66
C ASP A 4 7.55 7.36 -4.96
N GLY A 5 6.81 6.29 -4.65
CA GLY A 5 5.39 6.28 -4.91
C GLY A 5 5.03 5.58 -6.20
N ASP A 6 5.96 4.76 -6.69
CA ASP A 6 5.74 4.02 -7.93
C ASP A 6 5.20 2.62 -7.64
N VAL A 7 4.10 2.27 -8.29
CA VAL A 7 3.47 0.97 -8.10
C VAL A 7 3.16 0.31 -9.43
N GLU A 8 2.67 -0.92 -9.38
CA GLU A 8 2.32 -1.66 -10.59
C GLU A 8 0.84 -2.03 -10.60
N GLY A 9 0.23 -1.98 -11.78
CA GLY A 9 -1.18 -2.30 -11.91
C GLY A 9 -1.95 -1.25 -12.68
N PRO A 10 -3.29 -1.31 -12.59
CA PRO A 10 -4.16 -0.36 -13.28
C PRO A 10 -4.08 1.05 -12.70
N ALA A 11 -4.17 2.05 -13.56
CA ALA A 11 -4.10 3.44 -13.13
C ALA A 11 -5.27 3.78 -12.21
N GLY A 12 -4.94 4.25 -11.01
CA GLY A 12 -5.98 4.61 -10.05
C GLY A 12 -6.13 3.58 -8.95
N CYS A 13 -5.13 2.70 -8.83
CA CYS A 13 -5.16 1.65 -7.80
C CYS A 13 -4.88 2.23 -6.42
N LYS A 14 -4.68 1.35 -5.45
CA LYS A 14 -4.40 1.78 -4.08
C LYS A 14 -2.92 1.65 -3.75
N LYS A 15 -2.26 2.78 -3.53
CA LYS A 15 -0.85 2.80 -3.21
C LYS A 15 -0.62 2.59 -1.71
N TYR A 16 0.64 2.51 -1.31
CA TYR A 16 0.99 2.32 0.09
C TYR A 16 0.28 3.35 0.98
N ASP A 17 -0.20 2.90 2.12
CA ASP A 17 -0.89 3.80 3.05
C ASP A 17 -2.12 4.43 2.40
N VAL A 18 -2.99 3.59 1.85
CA VAL A 18 -4.20 4.07 1.20
C VAL A 18 -5.34 3.06 1.35
N GLU A 19 -6.56 3.57 1.46
CA GLU A 19 -7.73 2.72 1.60
C GLU A 19 -7.90 1.82 0.38
N CYS A 20 -8.58 0.68 0.57
CA CYS A 20 -8.81 -0.26 -0.51
C CYS A 20 -10.11 -1.04 -0.29
N ASP A 21 -10.66 -1.56 -1.37
CA ASP A 21 -11.91 -2.33 -1.30
C ASP A 21 -11.64 -3.82 -1.40
N SER A 22 -12.44 -4.62 -0.71
CA SER A 22 -12.28 -6.07 -0.72
C SER A 22 -10.90 -6.47 -0.20
N GLY A 23 -10.29 -5.58 0.57
CA GLY A 23 -8.97 -5.85 1.12
C GLY A 23 -7.95 -6.17 0.05
N GLU A 24 -8.22 -5.71 -1.18
CA GLU A 24 -7.31 -5.95 -2.30
C GLU A 24 -6.39 -4.76 -2.51
N CYS A 25 -5.09 -5.03 -2.57
CA CYS A 25 -4.10 -3.99 -2.78
C CYS A 25 -3.53 -4.05 -4.19
N CYS A 26 -2.77 -3.02 -4.56
CA CYS A 26 -2.17 -2.95 -5.89
C CYS A 26 -1.30 -4.18 -6.16
N GLN A 27 -0.76 -4.26 -7.38
CA GLN A 27 0.07 -5.38 -7.76
C GLN A 27 1.40 -5.36 -7.00
N LYS A 28 2.19 -4.32 -7.23
CA LYS A 28 3.48 -4.16 -6.57
C LYS A 28 3.75 -2.70 -6.25
N GLN A 29 4.79 -2.47 -5.45
CA GLN A 29 5.17 -1.11 -5.07
C GLN A 29 6.67 -1.00 -4.83
N TYR A 30 7.23 0.16 -5.15
CA TYR A 30 8.66 0.39 -4.98
C TYR A 30 8.98 0.78 -3.55
N LEU A 31 9.52 -0.17 -2.79
CA LEU A 31 9.88 0.08 -1.39
C LEU A 31 11.27 -0.47 -1.09
N TRP A 32 12.06 0.32 -0.37
CA TRP A 32 13.41 -0.08 -0.01
C TRP A 32 14.24 -0.39 -1.25
N TYR A 33 13.99 0.37 -2.32
CA TYR A 33 14.72 0.18 -3.57
C TYR A 33 14.45 -1.21 -4.16
N LYS A 34 13.22 -1.69 -3.97
CA LYS A 34 12.83 -2.99 -4.48
C LYS A 34 11.32 -3.08 -4.64
N TRP A 35 10.87 -3.86 -5.62
CA TRP A 35 9.45 -4.03 -5.88
C TRP A 35 8.85 -5.08 -4.96
N ARG A 36 8.06 -4.63 -3.98
CA ARG A 36 7.43 -5.53 -3.03
C ARG A 36 5.91 -5.48 -3.14
N PRO A 37 5.25 -6.57 -2.75
CA PRO A 37 3.79 -6.66 -2.81
C PRO A 37 3.11 -5.77 -1.77
N LEU A 38 1.78 -5.73 -1.82
CA LEU A 38 1.02 -4.91 -0.89
C LEU A 38 -0.14 -5.70 -0.29
N ASP A 39 -0.48 -5.39 0.96
CA ASP A 39 -1.57 -6.07 1.64
C ASP A 39 -2.25 -5.15 2.65
N CYS A 40 -3.58 -5.07 2.59
CA CYS A 40 -4.33 -4.22 3.50
C CYS A 40 -4.15 -4.67 4.94
N ARG A 41 -3.56 -3.80 5.75
CA ARG A 41 -3.32 -4.11 7.16
C ARG A 41 -3.97 -3.06 8.06
N CYS A 42 -4.49 -3.51 9.20
CA CYS A 42 -5.14 -2.61 10.15
C CYS A 42 -4.22 -2.33 11.33
N LEU A 43 -3.66 -1.12 11.36
CA LEU A 43 -2.76 -0.73 12.44
C LEU A 43 -2.92 0.76 12.76
N LYS A 44 -2.50 1.15 13.96
CA LYS A 44 -2.59 2.54 14.38
C LYS A 44 -1.32 2.98 15.10
N SER A 45 -0.92 4.22 14.88
CA SER A 45 0.29 4.76 15.50
C SER A 45 -0.04 6.00 16.33
N GLY A 46 -0.45 5.79 17.58
CA GLY A 46 -0.78 6.89 18.45
C GLY A 46 -2.26 7.24 18.41
N PHE A 47 -2.86 7.13 17.23
CA PHE A 47 -4.28 7.44 17.07
C PHE A 47 -5.15 6.40 17.77
N PHE A 48 -6.41 6.75 17.99
CA PHE A 48 -7.34 5.85 18.65
C PHE A 48 -8.07 4.97 17.63
N SER A 49 -8.74 5.62 16.68
CA SER A 49 -9.49 4.91 15.66
C SER A 49 -8.55 4.35 14.60
N SER A 50 -8.25 3.06 14.71
CA SER A 50 -7.36 2.39 13.76
C SER A 50 -8.03 2.25 12.39
N LYS A 51 -7.27 2.56 11.33
CA LYS A 51 -7.79 2.47 9.98
C LYS A 51 -7.04 1.41 9.19
N CYS A 52 -7.71 0.80 8.22
CA CYS A 52 -7.11 -0.22 7.38
C CYS A 52 -6.63 0.36 6.05
N VAL A 53 -5.35 0.15 5.75
CA VAL A 53 -4.78 0.65 4.50
C VAL A 53 -3.74 -0.31 3.95
N CYS A 54 -3.21 0.00 2.77
CA CYS A 54 -2.21 -0.85 2.13
C CYS A 54 -0.86 -0.71 2.83
N ARG A 55 -0.18 -1.84 3.00
CA ARG A 55 1.12 -1.84 3.65
C ARG A 55 2.08 -2.79 2.95
N ASP A 56 3.37 -2.65 3.24
CA ASP A 56 4.39 -3.50 2.62
C ASP A 56 4.58 -4.79 3.42
N VAL A 57 4.54 -5.92 2.73
CA VAL A 57 4.70 -7.22 3.37
C VAL A 57 5.95 -7.92 2.87
N SER A 1 14.74 2.38 -14.44
CA SER A 1 15.02 2.99 -13.14
C SER A 1 13.76 3.63 -12.56
N ALA A 2 13.09 2.89 -11.68
CA ALA A 2 11.87 3.38 -11.06
C ALA A 2 12.19 4.34 -9.90
N LYS A 3 11.36 5.37 -9.74
CA LYS A 3 11.57 6.35 -8.68
C LYS A 3 10.61 6.08 -7.51
N ASP A 4 10.64 6.97 -6.52
CA ASP A 4 9.78 6.83 -5.35
C ASP A 4 8.34 7.19 -5.69
N GLY A 5 7.42 6.31 -5.36
CA GLY A 5 6.00 6.55 -5.63
C GLY A 5 5.53 5.85 -6.90
N ASP A 6 6.28 4.84 -7.33
CA ASP A 6 5.94 4.09 -8.52
C ASP A 6 5.38 2.72 -8.17
N VAL A 7 4.17 2.44 -8.63
CA VAL A 7 3.53 1.15 -8.35
C VAL A 7 3.29 0.38 -9.64
N GLU A 8 2.82 -0.86 -9.49
CA GLU A 8 2.55 -1.71 -10.65
C GLU A 8 1.08 -2.11 -10.70
N GLY A 9 0.49 -2.04 -11.88
CA GLY A 9 -0.92 -2.39 -12.05
C GLY A 9 -1.67 -1.37 -12.88
N PRO A 10 -3.01 -1.45 -12.83
CA PRO A 10 -3.89 -0.54 -13.58
C PRO A 10 -3.84 0.88 -13.03
N ALA A 11 -3.91 1.86 -13.93
CA ALA A 11 -3.89 3.27 -13.53
C ALA A 11 -5.12 3.62 -12.69
N GLY A 12 -4.87 4.13 -11.49
CA GLY A 12 -5.97 4.50 -10.61
C GLY A 12 -6.16 3.52 -9.47
N CYS A 13 -5.16 2.65 -9.27
CA CYS A 13 -5.23 1.66 -8.21
C CYS A 13 -4.94 2.30 -6.85
N LYS A 14 -4.80 1.45 -5.83
CA LYS A 14 -4.53 1.93 -4.47
C LYS A 14 -3.03 1.90 -4.18
N LYS A 15 -2.44 3.08 -3.99
CA LYS A 15 -1.02 3.19 -3.69
C LYS A 15 -0.76 2.98 -2.20
N TYR A 16 0.52 2.98 -1.83
CA TYR A 16 0.90 2.79 -0.43
C TYR A 16 0.32 3.91 0.44
N ASP A 17 0.01 3.57 1.69
CA ASP A 17 -0.54 4.54 2.62
C ASP A 17 -1.90 5.04 2.14
N VAL A 18 -2.70 4.13 1.59
CA VAL A 18 -4.03 4.48 1.09
C VAL A 18 -5.01 3.33 1.29
N GLU A 19 -6.23 3.67 1.70
CA GLU A 19 -7.26 2.67 1.93
C GLU A 19 -7.59 1.92 0.63
N CYS A 20 -8.16 0.73 0.78
CA CYS A 20 -8.53 -0.08 -0.38
C CYS A 20 -9.79 -0.90 -0.08
N ASP A 21 -10.35 -1.50 -1.14
CA ASP A 21 -11.55 -2.31 -0.99
C ASP A 21 -11.20 -3.79 -0.89
N SER A 22 -11.97 -4.51 -0.07
CA SER A 22 -11.74 -5.94 0.12
C SER A 22 -10.31 -6.20 0.59
N GLY A 23 -9.71 -5.20 1.24
CA GLY A 23 -8.35 -5.33 1.72
C GLY A 23 -7.38 -5.72 0.63
N GLU A 24 -7.74 -5.42 -0.61
CA GLU A 24 -6.89 -5.73 -1.75
C GLU A 24 -6.04 -4.53 -2.16
N CYS A 25 -4.74 -4.74 -2.27
CA CYS A 25 -3.83 -3.67 -2.65
C CYS A 25 -3.34 -3.86 -4.09
N CYS A 26 -2.69 -2.83 -4.63
CA CYS A 26 -2.17 -2.87 -5.98
C CYS A 26 -1.29 -4.11 -6.20
N GLN A 27 -0.94 -4.38 -7.45
CA GLN A 27 -0.11 -5.51 -7.78
C GLN A 27 1.20 -5.49 -6.98
N LYS A 28 2.00 -4.46 -7.21
CA LYS A 28 3.28 -4.31 -6.52
C LYS A 28 3.65 -2.85 -6.37
N GLN A 29 4.68 -2.58 -5.58
CA GLN A 29 5.14 -1.21 -5.36
C GLN A 29 6.65 -1.18 -5.14
N TYR A 30 7.30 -0.16 -5.69
CA TYR A 30 8.75 -0.01 -5.56
C TYR A 30 9.11 0.59 -4.21
N LEU A 31 9.38 -0.27 -3.24
CA LEU A 31 9.75 0.17 -1.90
C LEU A 31 11.15 -0.30 -1.53
N TRP A 32 11.95 0.61 -0.99
CA TRP A 32 13.31 0.29 -0.59
C TRP A 32 14.12 -0.23 -1.78
N TYR A 33 14.01 0.46 -2.91
CA TYR A 33 14.72 0.07 -4.12
C TYR A 33 14.43 -1.37 -4.48
N LYS A 34 13.19 -1.80 -4.23
CA LYS A 34 12.78 -3.17 -4.53
C LYS A 34 11.26 -3.26 -4.63
N TRP A 35 10.78 -3.96 -5.66
CA TRP A 35 9.34 -4.12 -5.87
C TRP A 35 8.77 -5.12 -4.88
N ARG A 36 8.02 -4.62 -3.90
CA ARG A 36 7.40 -5.47 -2.90
C ARG A 36 5.88 -5.37 -2.94
N PRO A 37 5.20 -6.43 -2.50
CA PRO A 37 3.74 -6.49 -2.49
C PRO A 37 3.12 -5.54 -1.46
N LEU A 38 1.80 -5.45 -1.45
CA LEU A 38 1.10 -4.58 -0.52
C LEU A 38 -0.02 -5.33 0.19
N ASP A 39 -0.27 -4.97 1.45
CA ASP A 39 -1.32 -5.62 2.23
C ASP A 39 -2.03 -4.60 3.12
N CYS A 40 -3.36 -4.59 3.07
CA CYS A 40 -4.15 -3.67 3.87
C CYS A 40 -4.12 -4.06 5.35
N ARG A 41 -3.66 -3.13 6.19
CA ARG A 41 -3.58 -3.38 7.62
C ARG A 41 -4.05 -2.16 8.41
N CYS A 42 -4.68 -2.40 9.55
CA CYS A 42 -5.18 -1.33 10.40
C CYS A 42 -4.09 -0.83 11.34
N LEU A 43 -3.39 0.22 10.92
CA LEU A 43 -2.32 0.80 11.73
C LEU A 43 -2.89 1.70 12.83
N LYS A 44 -2.41 1.52 14.04
CA LYS A 44 -2.86 2.32 15.18
C LYS A 44 -1.75 2.52 16.19
N SER A 45 -1.62 3.74 16.71
CA SER A 45 -0.59 4.06 17.68
C SER A 45 -1.21 4.59 18.97
N GLY A 46 -1.60 3.68 19.85
CA GLY A 46 -2.20 4.07 21.11
C GLY A 46 -3.51 4.81 20.92
N PHE A 47 -4.07 4.73 19.72
CA PHE A 47 -5.33 5.40 19.40
C PHE A 47 -6.51 4.44 19.58
N PHE A 48 -7.71 4.95 19.32
CA PHE A 48 -8.92 4.15 19.45
C PHE A 48 -9.41 3.68 18.07
N SER A 49 -9.29 4.55 17.09
CA SER A 49 -9.72 4.23 15.73
C SER A 49 -8.52 3.92 14.84
N SER A 50 -8.45 2.68 14.37
CA SER A 50 -7.35 2.25 13.51
C SER A 50 -7.74 2.36 12.04
N LYS A 51 -6.93 3.09 11.27
CA LYS A 51 -7.20 3.29 9.85
C LYS A 51 -6.49 2.21 9.02
N CYS A 52 -7.25 1.53 8.18
CA CYS A 52 -6.70 0.48 7.34
C CYS A 52 -6.16 1.06 6.03
N VAL A 53 -4.89 0.78 5.74
CA VAL A 53 -4.25 1.27 4.53
C VAL A 53 -3.26 0.26 3.98
N CYS A 54 -2.96 0.37 2.69
CA CYS A 54 -2.02 -0.53 2.04
C CYS A 54 -0.61 -0.38 2.64
N ARG A 55 -0.10 -1.48 3.19
CA ARG A 55 1.22 -1.47 3.80
C ARG A 55 2.16 -2.42 3.06
N ASP A 56 3.46 -2.23 3.27
CA ASP A 56 4.46 -3.07 2.63
C ASP A 56 4.65 -4.38 3.38
N VAL A 57 4.75 -5.48 2.64
CA VAL A 57 4.93 -6.80 3.23
C VAL A 57 5.94 -7.62 2.45
N SER A 1 14.49 3.55 -15.02
CA SER A 1 14.68 3.46 -13.58
C SER A 1 13.42 3.88 -12.84
N ALA A 2 13.09 3.15 -11.78
CA ALA A 2 11.90 3.44 -10.98
C ALA A 2 12.19 4.57 -9.99
N LYS A 3 11.11 5.12 -9.42
CA LYS A 3 11.25 6.20 -8.45
C LYS A 3 10.23 6.05 -7.32
N ASP A 4 10.29 6.95 -6.35
CA ASP A 4 9.38 6.92 -5.22
C ASP A 4 7.95 7.23 -5.65
N GLY A 5 7.04 6.30 -5.40
CA GLY A 5 5.65 6.51 -5.78
C GLY A 5 5.27 5.71 -7.01
N ASP A 6 6.07 4.70 -7.34
CA ASP A 6 5.80 3.86 -8.51
C ASP A 6 5.04 2.60 -8.10
N VAL A 7 4.11 2.20 -8.95
CA VAL A 7 3.30 1.00 -8.70
C VAL A 7 3.00 0.25 -9.98
N GLU A 8 2.62 -1.02 -9.85
CA GLU A 8 2.29 -1.85 -11.00
C GLU A 8 0.81 -2.18 -11.03
N GLY A 9 0.22 -2.15 -12.22
CA GLY A 9 -1.19 -2.47 -12.37
C GLY A 9 -1.92 -1.45 -13.20
N PRO A 10 -3.26 -1.45 -13.11
CA PRO A 10 -4.12 -0.52 -13.86
C PRO A 10 -3.99 0.92 -13.35
N ALA A 11 -4.00 1.87 -14.28
CA ALA A 11 -3.89 3.27 -13.92
C ALA A 11 -5.06 3.71 -13.05
N GLY A 12 -4.74 4.23 -11.86
CA GLY A 12 -5.78 4.67 -10.95
C GLY A 12 -5.97 3.73 -9.77
N CYS A 13 -5.02 2.82 -9.60
CA CYS A 13 -5.09 1.85 -8.51
C CYS A 13 -4.75 2.51 -7.18
N LYS A 14 -4.58 1.68 -6.15
CA LYS A 14 -4.26 2.18 -4.81
C LYS A 14 -2.74 2.25 -4.61
N LYS A 15 -2.33 2.95 -3.56
CA LYS A 15 -0.91 3.09 -3.25
C LYS A 15 -0.65 2.90 -1.77
N TYR A 16 0.62 2.92 -1.38
CA TYR A 16 1.00 2.73 0.01
C TYR A 16 0.29 3.75 0.91
N ASP A 17 -0.13 3.29 2.09
CA ASP A 17 -0.82 4.17 3.03
C ASP A 17 -2.10 4.72 2.42
N VAL A 18 -2.94 3.84 1.90
CA VAL A 18 -4.20 4.25 1.28
C VAL A 18 -5.26 3.16 1.43
N GLU A 19 -6.50 3.58 1.70
CA GLU A 19 -7.60 2.64 1.86
C GLU A 19 -7.89 1.91 0.55
N CYS A 20 -8.48 0.72 0.67
CA CYS A 20 -8.80 -0.08 -0.50
C CYS A 20 -10.00 -0.99 -0.23
N ASP A 21 -10.52 -1.61 -1.28
CA ASP A 21 -11.67 -2.50 -1.15
C ASP A 21 -11.23 -3.95 -1.04
N SER A 22 -11.94 -4.72 -0.22
CA SER A 22 -11.61 -6.13 -0.02
C SER A 22 -10.17 -6.29 0.45
N GLY A 23 -9.63 -5.24 1.07
CA GLY A 23 -8.27 -5.29 1.56
C GLY A 23 -7.28 -5.65 0.46
N GLU A 24 -7.64 -5.37 -0.79
CA GLU A 24 -6.79 -5.67 -1.92
C GLU A 24 -5.99 -4.44 -2.34
N CYS A 25 -4.67 -4.59 -2.44
CA CYS A 25 -3.80 -3.50 -2.83
C CYS A 25 -3.29 -3.68 -4.25
N CYS A 26 -2.67 -2.65 -4.80
CA CYS A 26 -2.13 -2.70 -6.16
C CYS A 26 -1.23 -3.92 -6.34
N GLN A 27 -0.86 -4.20 -7.59
CA GLN A 27 -0.01 -5.34 -7.88
C GLN A 27 1.32 -5.24 -7.13
N LYS A 28 2.11 -4.23 -7.44
CA LYS A 28 3.39 -4.03 -6.78
C LYS A 28 3.67 -2.54 -6.58
N GLN A 29 4.71 -2.24 -5.81
CA GLN A 29 5.08 -0.85 -5.54
C GLN A 29 6.57 -0.75 -5.21
N TYR A 30 7.19 0.34 -5.67
CA TYR A 30 8.61 0.56 -5.43
C TYR A 30 8.87 0.93 -3.97
N LEU A 31 9.40 -0.01 -3.21
CA LEU A 31 9.70 0.22 -1.80
C LEU A 31 11.07 -0.35 -1.42
N TRP A 32 11.83 0.42 -0.66
CA TRP A 32 13.16 -0.01 -0.24
C TRP A 32 14.05 -0.30 -1.44
N TYR A 33 13.88 0.47 -2.50
CA TYR A 33 14.65 0.29 -3.72
C TYR A 33 14.39 -1.08 -4.34
N LYS A 34 13.16 -1.56 -4.18
CA LYS A 34 12.77 -2.86 -4.73
C LYS A 34 11.26 -2.96 -4.88
N TRP A 35 10.82 -3.72 -5.87
CA TRP A 35 9.38 -3.89 -6.10
C TRP A 35 8.79 -4.90 -5.14
N ARG A 36 8.02 -4.41 -4.17
CA ARG A 36 7.39 -5.27 -3.17
C ARG A 36 5.87 -5.17 -3.25
N PRO A 37 5.19 -6.24 -2.82
CA PRO A 37 3.73 -6.30 -2.83
C PRO A 37 3.10 -5.37 -1.80
N LEU A 38 1.77 -5.29 -1.81
CA LEU A 38 1.05 -4.42 -0.89
C LEU A 38 -0.13 -5.16 -0.26
N ASP A 39 -0.43 -4.84 1.00
CA ASP A 39 -1.54 -5.47 1.70
C ASP A 39 -2.17 -4.50 2.69
N CYS A 40 -3.50 -4.42 2.66
CA CYS A 40 -4.23 -3.53 3.56
C CYS A 40 -4.18 -4.03 4.99
N ARG A 41 -3.27 -3.48 5.78
CA ARG A 41 -3.11 -3.88 7.17
C ARG A 41 -3.83 -2.90 8.10
N CYS A 42 -4.27 -3.39 9.25
CA CYS A 42 -4.96 -2.55 10.22
C CYS A 42 -4.10 -2.34 11.46
N LEU A 43 -3.57 -1.13 11.61
CA LEU A 43 -2.73 -0.79 12.75
C LEU A 43 -2.94 0.66 13.18
N LYS A 44 -2.57 0.96 14.41
CA LYS A 44 -2.73 2.32 14.93
C LYS A 44 -1.62 2.62 15.95
N SER A 45 -1.56 3.88 16.39
CA SER A 45 -0.56 4.31 17.34
C SER A 45 -1.21 4.89 18.59
N GLY A 46 -1.58 4.02 19.53
CA GLY A 46 -2.21 4.47 20.76
C GLY A 46 -3.47 5.27 20.50
N PHE A 47 -4.06 5.07 19.33
CA PHE A 47 -5.29 5.78 18.96
C PHE A 47 -6.52 4.96 19.28
N PHE A 48 -7.68 5.58 19.21
CA PHE A 48 -8.94 4.91 19.49
C PHE A 48 -9.52 4.28 18.23
N SER A 49 -9.68 5.08 17.19
CA SER A 49 -10.23 4.61 15.92
C SER A 49 -9.11 4.31 14.93
N SER A 50 -8.80 3.03 14.76
CA SER A 50 -7.74 2.62 13.83
C SER A 50 -8.25 2.58 12.40
N LYS A 51 -7.33 2.58 11.45
CA LYS A 51 -7.68 2.54 10.04
C LYS A 51 -6.84 1.53 9.28
N CYS A 52 -7.45 0.85 8.31
CA CYS A 52 -6.75 -0.15 7.52
C CYS A 52 -6.30 0.44 6.18
N VAL A 53 -5.01 0.32 5.90
CA VAL A 53 -4.45 0.83 4.65
C VAL A 53 -3.36 -0.08 4.12
N CYS A 54 -3.02 0.09 2.84
CA CYS A 54 -2.00 -0.72 2.21
C CYS A 54 -0.65 -0.55 2.91
N ARG A 55 0.10 -1.64 3.02
CA ARG A 55 1.40 -1.60 3.67
C ARG A 55 2.40 -2.51 2.96
N ASP A 56 3.69 -2.29 3.20
CA ASP A 56 4.73 -3.09 2.59
C ASP A 56 5.00 -4.36 3.40
N VAL A 57 4.94 -5.50 2.73
CA VAL A 57 5.17 -6.78 3.40
C VAL A 57 6.30 -7.55 2.71
#